data_3GCK
#
_entry.id   3GCK
#
_cell.length_a   54.515
_cell.length_b   80.113
_cell.length_c   68.571
_cell.angle_alpha   90.00
_cell.angle_beta   93.99
_cell.angle_gamma   90.00
#
_symmetry.space_group_name_H-M   'P 1 21 1'
#
loop_
_entity.id
_entity.type
_entity.pdbx_description
1 polymer Lactoperoxidase
2 branched alpha-D-mannopyranose-(1-4)-2-acetamido-2-deoxy-beta-D-glucopyranose-(1-4)-2-acetamido-2-deoxy-beta-D-glucopyranose
3 branched 2-acetamido-2-deoxy-beta-D-glucopyranose-(1-4)-2-acetamido-2-deoxy-beta-D-glucopyranose
4 non-polymer 'PROTOPORPHYRIN IX CONTAINING FE'
5 non-polymer 'CALCIUM ION'
6 non-polymer 'IODIDE ION'
7 non-polymer 'THIOCYANATE ION'
8 non-polymer 'BENZHYDROXAMIC ACID'
9 water water
#
_entity_poly.entity_id   1
_entity_poly.type   'polypeptide(L)'
_entity_poly.pdbx_seq_one_letter_code
;SWEVGCGAPVPLVKCDENSPYRTITGDCNNRRSPALGAANRALARWLPAEYEDGLALPFGWTQRKTRNGFRVPLAREVSN
KIVGYLDEEGVLDQNRSLLFMQWGQIVDHDLDFAPETELGSNEHSKTQCEEYCIQGDNCFPIMFPKNDPKLKTQGKCMPF
FRAGFVCPTPPYQSLAREQINAVTSFLDASLVYGSEP(SEP)LASRLRNLSSPLGLMAVNQEAWDHGLAYLPFNNKKPSP
CEFINTTARVPCFLAGDFRASEQILLATAHTLLLREHNRLARELKKLNPHWNGEKLYQEARKILGAFIQIITFRDYLPIV
LGSEMQKWIPPYQGYNNSVDPRISNVFTFAFRFGHMEVPSTVSRLDENYQPWGPEAELPLHTLFFNTWRIIKDGGIDPLV
RGLLAKKSKLMNQDKMVTSELRNKLFQPTHKIHGFDLAAINLQRCRDHGMPGYNSWRGFCGLSQPKTLKGLQTVLKNKIL
AKKLMDLYKTPDNIDIWIGGNAEPMVERGRVGPLLACLLGRQFQQIRDGDRFWWENPGVFTEKQRDSLQKVSFSRLICDN
THITKVPLHAFQANNYPHDFVDCSTVDKLDLSPWASREN
;
_entity_poly.pdbx_strand_id   A
#
loop_
_chem_comp.id
_chem_comp.type
_chem_comp.name
_chem_comp.formula
BHO non-polymer 'BENZHYDROXAMIC ACID' 'C7 H7 N O2'
CA non-polymer 'CALCIUM ION' 'Ca 2'
HEM non-polymer 'PROTOPORPHYRIN IX CONTAINING FE' 'C34 H32 Fe N4 O4'
IOD non-polymer 'IODIDE ION' 'I -1'
MAN D-saccharide, alpha linking alpha-D-mannopyranose 'C6 H12 O6'
NAG D-saccharide, beta linking 2-acetamido-2-deoxy-beta-D-glucopyranose 'C8 H15 N O6'
SCN non-polymer 'THIOCYANATE ION' 'C N S -1'
#
# COMPACT_ATOMS: atom_id res chain seq x y z
N SER A 1 15.18 -3.50 -32.89
CA SER A 1 14.28 -2.81 -31.92
C SER A 1 14.52 -3.33 -30.50
N TRP A 2 14.09 -2.56 -29.49
CA TRP A 2 14.23 -2.96 -28.09
C TRP A 2 13.34 -4.15 -27.83
N GLU A 3 13.37 -4.65 -26.59
CA GLU A 3 12.53 -5.76 -26.20
C GLU A 3 11.11 -5.22 -26.17
N VAL A 4 10.65 -4.88 -27.37
CA VAL A 4 9.32 -4.36 -27.62
C VAL A 4 8.34 -5.52 -27.48
N GLY A 5 8.91 -6.67 -27.10
CA GLY A 5 8.19 -7.93 -26.96
C GLY A 5 6.99 -8.21 -26.05
N CYS A 6 7.19 -9.14 -25.12
CA CYS A 6 6.14 -9.64 -24.22
C CYS A 6 5.01 -8.82 -23.70
N GLY A 7 4.08 -9.60 -23.18
CA GLY A 7 2.84 -9.14 -22.62
C GLY A 7 1.90 -10.31 -22.90
N ALA A 8 1.73 -11.19 -21.92
CA ALA A 8 0.84 -12.35 -22.06
C ALA A 8 -0.25 -12.35 -20.98
N PRO A 9 0.07 -11.83 -19.79
CA PRO A 9 -0.90 -11.77 -18.68
C PRO A 9 -1.90 -10.67 -18.99
N VAL A 10 -1.62 -9.99 -20.09
CA VAL A 10 -2.39 -8.87 -20.58
C VAL A 10 -3.76 -9.17 -21.20
N PRO A 11 -4.78 -8.42 -20.76
CA PRO A 11 -6.18 -8.50 -21.21
C PRO A 11 -6.34 -8.17 -22.69
N LEU A 12 -6.42 -6.87 -22.95
CA LEU A 12 -6.53 -6.26 -24.27
C LEU A 12 -7.91 -6.14 -24.93
N VAL A 13 -8.30 -4.87 -25.08
CA VAL A 13 -9.55 -4.42 -25.69
C VAL A 13 -9.24 -2.96 -26.13
N LYS A 14 -10.16 -2.27 -26.79
CA LYS A 14 -9.82 -0.93 -27.33
C LYS A 14 -10.04 0.44 -26.65
N CYS A 15 -9.53 1.46 -27.34
CA CYS A 15 -9.57 2.88 -26.94
C CYS A 15 -10.51 3.79 -27.73
N ASP A 16 -11.29 4.60 -27.00
CA ASP A 16 -12.19 5.60 -27.57
C ASP A 16 -11.27 6.82 -27.54
N GLU A 17 -10.95 7.41 -28.68
CA GLU A 17 -10.00 8.52 -28.65
C GLU A 17 -10.30 9.86 -27.97
N ASN A 18 -11.56 10.17 -27.65
CA ASN A 18 -11.83 11.45 -26.98
C ASN A 18 -12.67 11.32 -25.70
N SER A 19 -12.72 10.10 -25.15
CA SER A 19 -13.49 9.84 -23.95
C SER A 19 -13.01 10.69 -22.76
N PRO A 20 -13.95 11.15 -21.91
CA PRO A 20 -13.70 11.98 -20.73
C PRO A 20 -13.45 11.19 -19.43
N TYR A 21 -13.28 9.88 -19.52
CA TYR A 21 -13.06 9.08 -18.32
C TYR A 21 -11.88 8.11 -18.43
N ARG A 22 -11.39 7.64 -17.28
CA ARG A 22 -10.28 6.68 -17.26
C ARG A 22 -10.90 5.31 -17.55
N THR A 23 -10.10 4.41 -18.11
CA THR A 23 -10.58 3.05 -18.36
C THR A 23 -10.45 2.38 -17.00
N ILE A 24 -10.94 1.15 -16.90
CA ILE A 24 -10.84 0.43 -15.64
C ILE A 24 -9.46 -0.19 -15.46
N THR A 25 -8.71 -0.33 -16.54
CA THR A 25 -7.39 -0.94 -16.47
C THR A 25 -6.22 0.04 -16.62
N GLY A 26 -6.52 1.31 -16.83
CA GLY A 26 -5.45 2.29 -16.99
C GLY A 26 -5.00 2.48 -18.43
N ASP A 27 -5.40 1.58 -19.32
CA ASP A 27 -5.04 1.70 -20.72
C ASP A 27 -5.50 3.02 -21.29
N CYS A 28 -4.97 3.34 -22.48
CA CYS A 28 -5.32 4.56 -23.21
C CYS A 28 -5.12 5.88 -22.48
N ASN A 29 -4.46 5.86 -21.32
CA ASN A 29 -4.20 7.11 -20.60
C ASN A 29 -3.24 7.89 -21.49
N ASN A 30 -2.22 7.19 -21.97
CA ASN A 30 -1.25 7.79 -22.86
C ASN A 30 -1.67 7.48 -24.29
N ARG A 31 -1.82 8.53 -25.09
CA ARG A 31 -2.25 8.38 -26.49
C ARG A 31 -1.25 7.78 -27.45
N ARG A 32 0.00 8.21 -27.37
CA ARG A 32 1.07 7.69 -28.23
C ARG A 32 1.25 6.20 -27.90
N SER A 33 1.42 5.92 -26.62
CA SER A 33 1.63 4.56 -26.14
C SER A 33 0.49 4.19 -25.19
N PRO A 34 -0.52 3.48 -25.69
CA PRO A 34 -1.69 3.04 -24.93
C PRO A 34 -1.41 2.40 -23.57
N ALA A 35 -0.84 1.20 -23.61
CA ALA A 35 -0.57 0.42 -22.42
C ALA A 35 0.21 1.06 -21.25
N LEU A 36 0.87 2.19 -21.48
CA LEU A 36 1.61 2.82 -20.40
C LEU A 36 0.70 3.15 -19.23
N GLY A 37 1.00 2.59 -18.06
CA GLY A 37 0.21 2.83 -16.87
C GLY A 37 -0.77 1.72 -16.51
N ALA A 38 -1.21 0.98 -17.53
CA ALA A 38 -2.15 -0.12 -17.37
C ALA A 38 -1.80 -1.26 -16.42
N ALA A 39 -2.84 -1.94 -15.94
CA ALA A 39 -2.68 -3.06 -15.03
C ALA A 39 -2.15 -4.28 -15.76
N ASN A 40 -1.62 -5.24 -15.01
CA ASN A 40 -1.09 -6.48 -15.56
C ASN A 40 0.04 -6.39 -16.60
N ARG A 41 0.96 -5.48 -16.37
CA ARG A 41 2.13 -5.31 -17.23
C ARG A 41 3.29 -5.37 -16.24
N ALA A 42 4.49 -5.69 -16.71
CA ALA A 42 5.63 -5.77 -15.81
C ALA A 42 5.84 -4.44 -15.11
N LEU A 43 6.54 -4.48 -13.97
CA LEU A 43 6.88 -3.28 -13.22
C LEU A 43 8.04 -2.68 -14.00
N ALA A 44 8.19 -1.37 -13.96
CA ALA A 44 9.29 -0.73 -14.69
C ALA A 44 10.63 -0.95 -13.97
N ARG A 45 11.71 -1.01 -14.73
CA ARG A 45 13.04 -1.17 -14.14
C ARG A 45 13.83 0.12 -14.32
N TRP A 46 14.14 0.82 -13.22
CA TRP A 46 14.93 2.04 -13.33
C TRP A 46 16.42 1.67 -13.42
N LEU A 47 16.73 0.40 -13.22
CA LEU A 47 18.10 -0.13 -13.32
C LEU A 47 18.00 -1.62 -13.64
N PRO A 48 19.06 -2.20 -14.22
CA PRO A 48 19.02 -3.62 -14.56
C PRO A 48 18.84 -4.47 -13.30
N ALA A 49 18.18 -5.61 -13.46
CA ALA A 49 17.92 -6.52 -12.35
C ALA A 49 19.22 -7.24 -11.99
N GLU A 50 19.33 -7.69 -10.75
CA GLU A 50 20.52 -8.41 -10.33
C GLU A 50 20.13 -9.76 -9.76
N TYR A 51 20.48 -10.81 -10.49
CA TYR A 51 20.20 -12.19 -10.11
C TYR A 51 21.46 -13.04 -10.00
N GLU A 52 21.32 -14.14 -9.27
CA GLU A 52 22.39 -15.08 -9.05
C GLU A 52 22.93 -15.64 -10.36
N ASP A 53 22.01 -16.08 -11.21
CA ASP A 53 22.36 -16.68 -12.49
C ASP A 53 22.21 -15.72 -13.66
N GLY A 54 22.00 -14.44 -13.36
CA GLY A 54 21.88 -13.48 -14.43
C GLY A 54 20.46 -13.22 -14.92
N LEU A 55 19.62 -14.24 -15.04
CA LEU A 55 18.26 -14.02 -15.54
C LEU A 55 17.06 -14.19 -14.63
N ALA A 56 17.09 -15.16 -13.71
CA ALA A 56 15.92 -15.36 -12.86
C ALA A 56 16.16 -15.70 -11.38
N LEU A 57 17.22 -16.44 -11.09
CA LEU A 57 17.52 -16.83 -9.71
C LEU A 57 17.93 -15.67 -8.80
N PRO A 58 17.42 -15.64 -7.56
CA PRO A 58 17.78 -14.55 -6.65
C PRO A 58 19.06 -14.84 -5.87
N PHE A 59 19.62 -13.81 -5.25
CA PHE A 59 20.82 -14.00 -4.46
C PHE A 59 20.42 -14.69 -3.16
N GLY A 60 21.02 -15.85 -2.92
CA GLY A 60 20.72 -16.60 -1.72
C GLY A 60 19.78 -17.75 -2.07
N TRP A 61 20.11 -18.45 -3.15
CA TRP A 61 19.29 -19.57 -3.59
C TRP A 61 20.24 -20.75 -3.66
N THR A 62 21.43 -20.50 -4.20
CA THR A 62 22.48 -21.52 -4.31
C THR A 62 23.49 -21.17 -3.23
N GLN A 63 23.64 -22.05 -2.25
CA GLN A 63 24.53 -21.80 -1.14
C GLN A 63 25.98 -21.47 -1.49
N ARG A 64 26.53 -22.15 -2.48
CA ARG A 64 27.92 -21.93 -2.89
C ARG A 64 28.14 -20.47 -3.31
N LYS A 65 27.30 -19.98 -4.22
CA LYS A 65 27.39 -18.63 -4.76
C LYS A 65 27.37 -17.48 -3.76
N THR A 66 28.23 -16.50 -3.98
CA THR A 66 28.29 -15.33 -3.11
C THR A 66 27.80 -14.10 -3.89
N ARG A 67 27.68 -12.96 -3.22
CA ARG A 67 27.29 -11.73 -3.88
C ARG A 67 28.47 -10.80 -3.65
N ASN A 68 29.31 -10.65 -4.66
CA ASN A 68 30.50 -9.82 -4.55
C ASN A 68 31.55 -10.45 -3.60
N GLY A 69 31.53 -11.78 -3.51
CA GLY A 69 32.51 -12.46 -2.68
C GLY A 69 32.05 -12.89 -1.30
N PHE A 70 30.83 -12.54 -0.95
CA PHE A 70 30.29 -12.87 0.37
C PHE A 70 28.93 -13.51 0.27
N ARG A 71 28.56 -14.23 1.32
CA ARG A 71 27.26 -14.86 1.38
C ARG A 71 26.27 -13.79 1.77
N VAL A 72 25.04 -13.88 1.27
CA VAL A 72 24.04 -12.92 1.71
C VAL A 72 23.49 -13.56 2.99
N PRO A 73 23.31 -12.75 4.04
CA PRO A 73 22.79 -13.28 5.30
C PRO A 73 21.35 -13.78 5.10
N LEU A 74 20.90 -14.68 5.96
CA LEU A 74 19.53 -15.17 5.87
C LEU A 74 18.69 -13.93 6.18
N ALA A 75 17.49 -13.85 5.65
CA ALA A 75 16.65 -12.69 5.92
C ALA A 75 16.27 -12.59 7.41
N ARG A 76 15.67 -13.65 7.94
CA ARG A 76 15.25 -13.70 9.34
C ARG A 76 16.36 -13.34 10.34
N GLU A 77 17.64 -13.44 9.95
CA GLU A 77 18.69 -13.07 10.89
C GLU A 77 18.78 -11.56 10.86
N VAL A 78 18.83 -10.99 9.66
CA VAL A 78 18.87 -9.53 9.57
C VAL A 78 17.70 -9.05 10.42
N SER A 79 16.57 -9.76 10.35
CA SER A 79 15.39 -9.37 11.11
C SER A 79 15.65 -9.46 12.60
N ASN A 80 16.11 -10.63 13.04
CA ASN A 80 16.39 -10.87 14.43
C ASN A 80 17.43 -9.92 15.03
N LYS A 81 18.60 -9.79 14.39
CA LYS A 81 19.66 -8.94 14.93
C LYS A 81 19.58 -7.43 14.70
N ILE A 82 18.61 -6.96 13.92
CA ILE A 82 18.55 -5.52 13.65
C ILE A 82 17.21 -4.85 13.76
N VAL A 83 16.23 -5.42 13.06
CA VAL A 83 14.88 -4.87 13.03
C VAL A 83 14.14 -4.95 14.35
N GLY A 84 13.94 -6.18 14.82
CA GLY A 84 13.21 -6.43 16.06
C GLY A 84 13.69 -5.64 17.25
N TYR A 85 12.78 -5.50 18.22
CA TYR A 85 13.00 -4.80 19.48
C TYR A 85 11.90 -5.21 20.44
N LEU A 86 12.15 -5.05 21.74
CA LEU A 86 11.18 -5.46 22.75
C LEU A 86 10.29 -4.39 23.35
N ASP A 87 10.92 -3.32 23.81
CA ASP A 87 10.24 -2.22 24.48
C ASP A 87 9.44 -1.23 23.63
N GLU A 88 8.12 -1.28 23.75
CA GLU A 88 7.25 -0.38 22.99
C GLU A 88 7.14 1.04 23.56
N GLU A 89 7.70 1.29 24.73
CA GLU A 89 7.61 2.62 25.32
C GLU A 89 8.33 3.66 24.46
N GLY A 90 7.94 4.93 24.59
CA GLY A 90 8.54 6.01 23.83
C GLY A 90 8.89 5.66 22.39
N VAL A 91 7.90 5.14 21.67
CA VAL A 91 8.10 4.72 20.29
C VAL A 91 7.13 5.40 19.30
N LEU A 92 6.20 6.20 19.83
CA LEU A 92 5.19 6.87 19.03
C LEU A 92 5.52 8.27 18.59
N ASP A 93 5.13 8.59 17.36
CA ASP A 93 5.37 9.90 16.77
C ASP A 93 4.61 10.98 17.54
N GLN A 94 5.34 11.88 18.18
CA GLN A 94 4.67 12.93 18.92
C GLN A 94 3.83 13.86 18.05
N ASN A 95 4.00 13.79 16.73
CA ASN A 95 3.22 14.68 15.85
C ASN A 95 2.63 14.07 14.57
N ARG A 96 2.10 12.86 14.69
CA ARG A 96 1.45 12.20 13.56
C ARG A 96 0.36 11.31 14.16
N SER A 97 -0.83 11.34 13.58
CA SER A 97 -1.94 10.53 14.06
C SER A 97 -1.77 9.13 13.45
N LEU A 98 -2.59 8.18 13.90
CA LEU A 98 -2.53 6.84 13.36
C LEU A 98 -2.90 6.91 11.87
N LEU A 99 -3.77 7.86 11.54
CA LEU A 99 -4.23 8.04 10.17
C LEU A 99 -3.08 8.24 9.19
N PHE A 100 -2.04 8.92 9.65
CA PHE A 100 -0.85 9.18 8.83
C PHE A 100 -0.26 7.87 8.31
N MET A 101 -0.25 6.85 9.15
CA MET A 101 0.25 5.53 8.76
C MET A 101 -0.76 4.85 7.84
N GLN A 102 -2.04 4.96 8.15
CA GLN A 102 -3.07 4.34 7.32
C GLN A 102 -3.22 4.91 5.91
N TRP A 103 -3.29 6.23 5.77
CA TRP A 103 -3.44 6.78 4.42
C TRP A 103 -2.35 6.25 3.50
N GLY A 104 -1.15 6.08 4.04
CA GLY A 104 -0.06 5.58 3.24
C GLY A 104 -0.36 4.18 2.72
N GLN A 105 -0.89 3.33 3.58
CA GLN A 105 -1.20 1.99 3.14
C GLN A 105 -2.19 2.03 1.99
N ILE A 106 -3.13 2.94 2.07
CA ILE A 106 -4.12 3.09 1.02
C ILE A 106 -3.46 3.44 -0.31
N VAL A 107 -2.55 4.43 -0.34
CA VAL A 107 -1.86 4.80 -1.57
C VAL A 107 -0.93 3.65 -2.06
N ASP A 108 0.02 3.08 -1.25
CA ASP A 108 0.91 1.96 -1.74
C ASP A 108 0.01 0.87 -2.37
N HIS A 109 -1.27 0.79 -1.95
CA HIS A 109 -2.21 -0.22 -2.52
C HIS A 109 -2.85 0.20 -3.83
N ASP A 110 -3.05 1.48 -3.92
CA ASP A 110 -3.66 2.04 -5.11
C ASP A 110 -2.66 1.96 -6.28
N LEU A 111 -1.37 2.00 -5.97
CA LEU A 111 -0.37 1.98 -7.02
C LEU A 111 0.27 0.64 -7.41
N ASP A 112 0.41 -0.30 -6.48
CA ASP A 112 1.06 -1.56 -6.84
C ASP A 112 0.60 -2.88 -6.23
N PHE A 113 0.86 -3.95 -6.96
CA PHE A 113 0.52 -5.27 -6.47
C PHE A 113 1.20 -6.36 -7.26
N ALA A 114 1.98 -7.13 -6.54
CA ALA A 114 2.67 -8.23 -7.15
C ALA A 114 2.06 -9.49 -6.55
N PRO A 115 1.23 -10.18 -7.33
CA PRO A 115 0.61 -11.41 -6.82
C PRO A 115 1.70 -12.48 -6.80
N GLU A 116 1.68 -13.35 -5.79
CA GLU A 116 2.69 -14.38 -5.73
C GLU A 116 2.30 -15.29 -6.88
N THR A 117 3.15 -16.28 -7.18
CA THR A 117 2.83 -17.22 -8.26
C THR A 117 1.94 -18.21 -7.53
N GLU A 118 1.22 -19.05 -8.29
CA GLU A 118 0.32 -19.98 -7.64
C GLU A 118 0.07 -21.35 -8.28
N LEU A 119 0.68 -21.67 -9.43
CA LEU A 119 0.37 -22.97 -10.03
C LEU A 119 0.81 -24.21 -9.26
N GLY A 120 -0.08 -24.64 -8.35
CA GLY A 120 0.17 -25.82 -7.54
C GLY A 120 -1.05 -26.18 -6.69
N SER A 121 -2.21 -25.58 -6.99
CA SER A 121 -3.42 -25.87 -6.23
C SER A 121 -3.74 -27.35 -6.33
N ASN A 122 -4.17 -27.92 -5.21
CA ASN A 122 -4.48 -29.34 -5.15
C ASN A 122 -3.25 -30.16 -5.52
N GLU A 123 -2.12 -29.65 -5.07
CA GLU A 123 -0.86 -30.35 -5.26
C GLU A 123 -0.20 -30.18 -3.92
N HIS A 124 0.87 -30.92 -3.73
CA HIS A 124 1.57 -30.88 -2.49
C HIS A 124 2.79 -29.99 -2.66
N SER A 125 2.55 -28.90 -3.37
CA SER A 125 3.56 -27.89 -3.65
C SER A 125 3.34 -26.80 -2.62
N LYS A 126 2.19 -26.86 -1.96
CA LYS A 126 1.87 -25.90 -0.92
C LYS A 126 2.31 -26.60 0.36
N THR A 127 2.39 -27.93 0.29
CA THR A 127 2.81 -28.75 1.42
C THR A 127 4.29 -29.08 1.31
N GLN A 128 4.77 -29.31 0.08
CA GLN A 128 6.18 -29.62 -0.11
C GLN A 128 6.97 -28.38 0.26
N CYS A 129 6.27 -27.26 0.46
CA CYS A 129 6.91 -26.01 0.82
C CYS A 129 6.72 -25.58 2.28
N GLU A 130 5.49 -25.62 2.81
CA GLU A 130 5.28 -25.23 4.21
C GLU A 130 5.79 -26.30 5.15
N GLU A 131 5.37 -27.54 4.91
CA GLU A 131 5.75 -28.65 5.76
C GLU A 131 7.20 -29.09 5.67
N TYR A 132 7.67 -29.36 4.47
CA TYR A 132 9.03 -29.85 4.30
C TYR A 132 10.15 -28.86 3.98
N CYS A 133 9.82 -27.58 3.77
CA CYS A 133 10.81 -26.54 3.49
C CYS A 133 11.86 -26.86 2.41
N ILE A 134 11.46 -27.47 1.31
CA ILE A 134 12.47 -27.75 0.29
C ILE A 134 12.36 -26.80 -0.88
N GLN A 135 13.40 -25.98 -1.01
CA GLN A 135 13.51 -24.99 -2.07
C GLN A 135 13.28 -25.65 -3.42
N GLY A 136 12.87 -24.87 -4.40
CA GLY A 136 12.62 -25.42 -5.70
C GLY A 136 11.51 -24.73 -6.46
N ASP A 137 11.76 -24.48 -7.74
CA ASP A 137 10.79 -23.82 -8.59
C ASP A 137 10.44 -22.48 -7.97
N ASN A 138 9.17 -22.29 -7.65
CA ASN A 138 8.74 -21.04 -7.07
C ASN A 138 8.65 -21.03 -5.55
N CYS A 139 9.13 -22.09 -4.91
CA CYS A 139 9.15 -22.18 -3.46
C CYS A 139 10.55 -21.74 -3.05
N PHE A 140 10.62 -20.59 -2.40
CA PHE A 140 11.88 -20.00 -1.96
C PHE A 140 11.73 -19.73 -0.45
N PRO A 141 11.89 -20.78 0.36
CA PRO A 141 11.77 -20.73 1.83
C PRO A 141 12.64 -19.73 2.57
N ILE A 142 12.12 -19.24 3.70
CA ILE A 142 12.87 -18.35 4.57
C ILE A 142 13.31 -19.30 5.67
N MET A 143 14.59 -19.65 5.66
CA MET A 143 15.14 -20.57 6.65
C MET A 143 15.52 -19.87 7.93
N PHE A 144 15.20 -20.50 9.05
CA PHE A 144 15.54 -19.96 10.36
C PHE A 144 16.99 -20.30 10.68
N PRO A 145 17.70 -19.37 11.35
CA PRO A 145 19.11 -19.51 11.76
C PRO A 145 19.21 -20.28 13.08
N LYS A 146 20.40 -20.33 13.67
CA LYS A 146 20.59 -21.02 14.95
C LYS A 146 20.35 -19.97 16.05
N ASN A 147 19.86 -20.41 17.20
CA ASN A 147 19.56 -19.48 18.30
C ASN A 147 18.26 -18.74 18.04
N ASP A 148 17.35 -19.36 17.30
CA ASP A 148 16.06 -18.75 16.97
C ASP A 148 14.87 -19.44 17.61
N PRO A 149 14.12 -18.73 18.48
CA PRO A 149 12.96 -19.30 19.15
C PRO A 149 11.98 -20.03 18.22
N LYS A 150 11.67 -19.43 17.09
CA LYS A 150 10.74 -20.05 16.13
C LYS A 150 11.18 -21.44 15.74
N LEU A 151 12.49 -21.66 15.80
CA LEU A 151 13.07 -22.95 15.45
C LEU A 151 12.50 -23.98 16.39
N LYS A 152 12.61 -23.67 17.68
CA LYS A 152 12.14 -24.54 18.73
C LYS A 152 10.64 -24.73 18.64
N THR A 153 9.96 -23.92 17.86
CA THR A 153 8.50 -24.02 17.84
C THR A 153 7.70 -24.08 16.54
N GLN A 154 8.27 -23.64 15.43
CA GLN A 154 7.54 -23.64 14.17
C GLN A 154 8.09 -24.55 13.09
N GLY A 155 9.38 -24.83 13.14
CA GLY A 155 9.93 -25.70 12.12
C GLY A 155 11.26 -25.17 11.65
N LYS A 156 11.67 -25.59 10.47
CA LYS A 156 12.94 -25.17 9.90
C LYS A 156 12.85 -23.85 9.15
N CYS A 157 11.65 -23.51 8.68
CA CYS A 157 11.51 -22.30 7.89
C CYS A 157 10.08 -21.78 7.86
N MET A 158 9.92 -20.65 7.17
CA MET A 158 8.63 -20.03 6.95
C MET A 158 8.48 -20.21 5.46
N PRO A 159 7.32 -20.71 5.02
CA PRO A 159 7.16 -20.89 3.58
C PRO A 159 7.05 -19.50 2.95
N PHE A 160 7.49 -19.40 1.71
CA PHE A 160 7.46 -18.15 0.95
C PHE A 160 7.51 -18.49 -0.53
N PHE A 161 6.67 -17.83 -1.32
CA PHE A 161 6.66 -18.08 -2.74
C PHE A 161 7.07 -16.88 -3.56
N ARG A 162 7.75 -17.14 -4.67
CA ARG A 162 8.21 -16.06 -5.52
C ARG A 162 7.05 -15.32 -6.17
N ALA A 163 7.24 -14.02 -6.39
CA ALA A 163 6.22 -13.17 -6.99
C ALA A 163 6.02 -13.48 -8.48
N GLY A 164 4.78 -13.37 -8.95
CA GLY A 164 4.49 -13.65 -10.34
C GLY A 164 5.23 -12.74 -11.32
N PHE A 165 5.50 -13.25 -12.52
CA PHE A 165 6.20 -12.48 -13.54
C PHE A 165 5.46 -12.49 -14.86
N VAL A 166 5.85 -11.59 -15.76
CA VAL A 166 5.16 -11.44 -17.04
C VAL A 166 5.37 -12.53 -18.08
N CYS A 167 4.65 -12.39 -19.20
CA CYS A 167 4.66 -13.39 -20.26
C CYS A 167 3.75 -14.46 -19.55
N PRO A 168 4.22 -15.71 -19.32
CA PRO A 168 3.36 -16.70 -18.65
C PRO A 168 3.10 -16.59 -17.13
N THR A 169 3.56 -17.66 -16.48
CA THR A 169 3.56 -17.91 -15.06
C THR A 169 4.39 -19.22 -14.77
N PRO A 170 4.72 -20.00 -15.83
CA PRO A 170 5.51 -21.24 -15.93
C PRO A 170 6.99 -20.89 -16.17
N PRO A 171 7.81 -21.87 -16.59
CA PRO A 171 9.24 -21.66 -16.87
C PRO A 171 9.60 -20.72 -18.03
N TYR A 172 10.21 -19.57 -17.74
CA TYR A 172 10.66 -18.63 -18.78
C TYR A 172 12.19 -18.40 -18.70
N GLN A 173 12.83 -18.32 -19.88
CA GLN A 173 14.31 -18.30 -20.01
C GLN A 173 15.20 -17.29 -20.76
N SER A 174 14.67 -16.27 -21.43
CA SER A 174 15.60 -15.42 -22.20
C SER A 174 15.97 -13.97 -21.83
N LEU A 175 15.01 -13.19 -21.34
CA LEU A 175 15.29 -11.81 -20.92
C LEU A 175 15.14 -11.95 -19.42
N ALA A 176 15.61 -11.00 -18.63
CA ALA A 176 15.49 -11.14 -17.18
C ALA A 176 14.02 -11.12 -16.73
N ARG A 177 13.74 -11.94 -15.73
CA ARG A 177 12.41 -12.09 -15.13
C ARG A 177 11.97 -10.76 -14.50
N GLU A 178 10.85 -10.24 -14.97
CA GLU A 178 10.31 -8.98 -14.45
C GLU A 178 9.03 -9.31 -13.71
N GLN A 179 8.81 -8.71 -12.55
CA GLN A 179 7.60 -8.97 -11.79
C GLN A 179 6.41 -8.15 -12.26
N ILE A 180 5.22 -8.58 -11.85
CA ILE A 180 3.96 -7.96 -12.24
C ILE A 180 3.32 -6.95 -11.29
N ASN A 181 2.89 -5.83 -11.85
CA ASN A 181 2.14 -4.84 -11.07
C ASN A 181 0.75 -5.24 -11.56
N ALA A 182 -0.20 -5.39 -10.65
CA ALA A 182 -1.55 -5.81 -11.02
C ALA A 182 -2.66 -4.82 -10.65
N VAL A 183 -2.32 -3.54 -10.69
CA VAL A 183 -3.27 -2.47 -10.40
C VAL A 183 -2.73 -1.37 -11.28
N THR A 184 -3.53 -0.33 -11.52
CA THR A 184 -3.08 0.74 -12.40
C THR A 184 -2.08 1.66 -11.72
N SER A 185 -1.07 2.08 -12.48
CA SER A 185 0.00 2.94 -11.99
C SER A 185 -0.39 4.37 -11.65
N PHE A 186 -1.51 4.85 -12.18
CA PHE A 186 -1.90 6.22 -11.86
C PHE A 186 -2.64 6.16 -10.55
N LEU A 187 -2.61 7.23 -9.78
CA LEU A 187 -3.33 7.25 -8.52
C LEU A 187 -4.76 7.56 -8.98
N ASP A 188 -5.61 6.54 -9.02
CA ASP A 188 -6.96 6.74 -9.54
C ASP A 188 -8.12 6.13 -8.79
N ALA A 189 -7.88 5.58 -7.61
CA ALA A 189 -8.91 4.93 -6.80
C ALA A 189 -9.24 3.53 -7.29
N SER A 190 -8.28 2.85 -7.90
CA SER A 190 -8.56 1.51 -8.39
C SER A 190 -8.58 0.51 -7.22
N LEU A 191 -8.45 1.00 -5.99
CA LEU A 191 -8.52 0.12 -4.83
C LEU A 191 -9.98 0.10 -4.41
N VAL A 192 -10.73 1.12 -4.83
CA VAL A 192 -12.15 1.18 -4.53
C VAL A 192 -12.91 0.47 -5.66
N TYR A 193 -12.49 0.73 -6.90
CA TYR A 193 -13.16 0.17 -8.07
C TYR A 193 -12.62 -1.09 -8.74
N GLY A 194 -11.37 -1.45 -8.45
CA GLY A 194 -10.82 -2.63 -9.07
C GLY A 194 -10.00 -2.19 -10.24
N SER A 195 -9.10 -3.05 -10.69
CA SER A 195 -8.22 -2.76 -11.82
C SER A 195 -8.58 -3.62 -13.03
N GLU A 196 -9.66 -4.39 -12.91
CA GLU A 196 -10.10 -5.26 -13.98
C GLU A 196 -11.59 -4.97 -14.31
N PRO A 197 -11.89 -5.09 -15.53
CA PRO A 197 -13.26 -5.10 -15.99
C PRO A 197 -14.10 -6.23 -15.30
N SEP A 198 -13.53 -7.39 -15.24
CA SEP A 198 -14.19 -8.49 -14.65
CB SEP A 198 -13.12 -9.48 -14.39
OG SEP A 198 -12.52 -10.00 -15.63
C SEP A 198 -14.61 -7.91 -13.33
O SEP A 198 -15.73 -8.15 -12.79
P SEP A 198 -11.24 -9.46 -16.45
O1P SEP A 198 -10.16 -10.62 -16.62
O2P SEP A 198 -10.70 -8.36 -15.44
O3P SEP A 198 -11.66 -8.90 -17.84
N LEU A 199 -13.77 -7.08 -12.73
CA LEU A 199 -14.19 -7.00 -11.39
C LEU A 199 -15.01 -5.77 -11.12
N ALA A 200 -14.63 -4.57 -11.53
CA ALA A 200 -15.33 -3.35 -11.41
C ALA A 200 -16.81 -3.59 -11.57
N SER A 201 -17.18 -4.64 -12.31
CA SER A 201 -18.57 -4.96 -12.56
C SER A 201 -19.23 -5.59 -11.35
N ARG A 202 -18.53 -6.55 -10.74
CA ARG A 202 -19.05 -7.25 -9.56
C ARG A 202 -19.17 -6.33 -8.36
N LEU A 203 -18.37 -5.26 -8.34
CA LEU A 203 -18.41 -4.31 -7.24
C LEU A 203 -19.58 -3.36 -7.31
N ARG A 204 -20.13 -3.19 -8.51
CA ARG A 204 -21.24 -2.29 -8.75
C ARG A 204 -22.64 -2.85 -8.53
N ASN A 205 -23.58 -1.97 -8.21
CA ASN A 205 -24.99 -2.31 -7.97
C ASN A 205 -25.69 -2.00 -9.30
N LEU A 206 -25.58 -2.91 -10.26
CA LEU A 206 -26.19 -2.74 -11.58
C LEU A 206 -27.70 -2.89 -11.59
N SER A 207 -28.20 -3.83 -10.79
CA SER A 207 -29.64 -4.08 -10.68
C SER A 207 -30.42 -2.78 -10.70
N SER A 208 -29.84 -1.75 -10.10
CA SER A 208 -30.43 -0.43 -10.00
C SER A 208 -29.58 0.56 -10.81
N PRO A 209 -30.22 1.49 -11.54
CA PRO A 209 -29.50 2.48 -12.37
C PRO A 209 -29.09 3.82 -11.75
N LEU A 210 -28.64 3.83 -10.51
CA LEU A 210 -28.23 5.07 -9.87
C LEU A 210 -26.69 5.17 -9.74
N GLY A 211 -25.98 4.18 -10.28
CA GLY A 211 -24.54 4.19 -10.21
C GLY A 211 -24.00 3.85 -8.84
N LEU A 212 -24.80 3.21 -8.00
CA LEU A 212 -24.36 2.83 -6.66
C LEU A 212 -23.35 1.68 -6.76
N MET A 213 -22.51 1.56 -5.72
CA MET A 213 -21.56 0.46 -5.65
C MET A 213 -22.39 -0.52 -4.82
N ALA A 214 -22.14 -1.82 -4.95
CA ALA A 214 -22.93 -2.79 -4.20
C ALA A 214 -22.53 -2.81 -2.73
N VAL A 215 -23.50 -2.79 -1.82
CA VAL A 215 -23.17 -2.83 -0.40
C VAL A 215 -23.54 -4.16 0.24
N ASN A 216 -23.17 -4.30 1.51
CA ASN A 216 -23.43 -5.53 2.26
C ASN A 216 -24.91 -5.70 2.58
N GLN A 217 -25.40 -6.93 2.41
CA GLN A 217 -26.80 -7.24 2.67
C GLN A 217 -27.05 -7.69 4.11
N GLU A 218 -26.28 -8.68 4.56
CA GLU A 218 -26.42 -9.23 5.90
C GLU A 218 -26.29 -8.26 7.07
N ALA A 219 -25.42 -7.25 6.94
CA ALA A 219 -25.23 -6.29 8.03
C ALA A 219 -25.14 -4.81 7.62
N TRP A 220 -25.43 -3.94 8.57
CA TRP A 220 -25.40 -2.49 8.38
C TRP A 220 -24.87 -1.80 9.66
N ASP A 221 -24.15 -0.69 9.49
CA ASP A 221 -23.59 0.03 10.63
C ASP A 221 -24.59 1.10 11.08
N HIS A 222 -25.28 0.81 12.18
CA HIS A 222 -26.33 1.69 12.71
C HIS A 222 -27.14 2.30 11.58
N GLY A 223 -27.28 1.60 10.46
CA GLY A 223 -28.04 2.13 9.35
C GLY A 223 -27.13 2.73 8.29
N LEU A 224 -25.95 2.13 8.14
CA LEU A 224 -24.95 2.60 7.18
C LEU A 224 -24.20 1.49 6.46
N ALA A 225 -23.75 1.81 5.25
CA ALA A 225 -23.04 0.89 4.37
C ALA A 225 -21.86 0.05 4.91
N TYR A 226 -21.66 -1.08 4.25
CA TYR A 226 -20.61 -2.02 4.56
C TYR A 226 -20.13 -2.62 3.25
N LEU A 227 -18.82 -2.76 3.08
CA LEU A 227 -18.32 -3.39 1.88
C LEU A 227 -19.01 -4.75 1.94
N PRO A 228 -19.37 -5.31 0.79
CA PRO A 228 -20.04 -6.61 0.65
C PRO A 228 -19.13 -7.79 0.96
N PHE A 229 -19.71 -8.85 1.49
CA PHE A 229 -18.92 -10.04 1.79
C PHE A 229 -18.42 -10.67 0.50
N ASN A 230 -17.42 -11.53 0.64
CA ASN A 230 -16.79 -12.21 -0.49
C ASN A 230 -17.13 -13.69 -0.53
N ASN A 231 -17.45 -14.20 -1.72
CA ASN A 231 -17.79 -15.61 -1.92
C ASN A 231 -16.68 -16.58 -1.50
N LYS A 232 -15.55 -16.47 -2.19
CA LYS A 232 -14.39 -17.32 -2.00
C LYS A 232 -14.23 -18.00 -0.65
N LYS A 233 -14.38 -19.32 -0.66
CA LYS A 233 -14.24 -20.16 0.52
C LYS A 233 -13.21 -21.22 0.19
N PRO A 234 -12.28 -21.51 1.12
CA PRO A 234 -12.12 -20.92 2.46
C PRO A 234 -11.52 -19.52 2.55
N SER A 235 -12.35 -18.55 2.94
CA SER A 235 -11.84 -17.18 3.13
C SER A 235 -11.32 -17.33 4.57
N PRO A 236 -10.07 -16.91 4.83
CA PRO A 236 -9.49 -17.02 6.18
C PRO A 236 -10.00 -16.06 7.23
N CYS A 237 -10.95 -15.20 6.87
CA CYS A 237 -11.49 -14.25 7.84
C CYS A 237 -12.33 -14.99 8.87
N GLU A 238 -12.83 -16.16 8.49
CA GLU A 238 -13.61 -16.96 9.41
C GLU A 238 -12.72 -18.00 10.10
N PHE A 239 -11.46 -18.09 9.68
CA PHE A 239 -10.55 -19.03 10.30
C PHE A 239 -10.02 -18.44 11.60
N ILE A 240 -9.70 -17.15 11.61
CA ILE A 240 -9.19 -16.54 12.83
C ILE A 240 -10.28 -16.63 13.88
N ASN A 241 -11.51 -16.84 13.43
CA ASN A 241 -12.62 -17.03 14.36
C ASN A 241 -13.72 -17.90 13.78
N THR A 242 -13.51 -19.20 13.94
CA THR A 242 -14.39 -20.24 13.46
C THR A 242 -15.80 -20.23 14.07
N THR A 243 -15.95 -19.60 15.23
CA THR A 243 -17.25 -19.54 15.88
C THR A 243 -18.09 -18.43 15.26
N ALA A 244 -17.45 -17.30 14.98
CA ALA A 244 -18.15 -16.15 14.41
C ALA A 244 -18.36 -16.24 12.90
N ARG A 245 -17.47 -16.91 12.19
CA ARG A 245 -17.50 -17.02 10.72
C ARG A 245 -17.93 -15.78 10.00
N VAL A 246 -17.07 -14.78 9.96
CA VAL A 246 -17.41 -13.60 9.22
C VAL A 246 -16.37 -13.51 8.12
N PRO A 247 -16.82 -13.66 6.86
CA PRO A 247 -15.98 -13.59 5.66
C PRO A 247 -15.22 -12.29 5.59
N CYS A 248 -14.40 -12.15 4.54
CA CYS A 248 -13.64 -10.93 4.34
C CYS A 248 -14.47 -10.04 3.44
N PHE A 249 -14.01 -8.83 3.20
CA PHE A 249 -14.75 -7.93 2.34
C PHE A 249 -14.26 -8.01 0.90
N LEU A 250 -15.19 -7.82 -0.02
CA LEU A 250 -14.88 -7.83 -1.44
C LEU A 250 -14.70 -6.36 -1.81
N ALA A 251 -13.53 -6.02 -2.35
CA ALA A 251 -13.26 -4.63 -2.73
C ALA A 251 -12.38 -4.52 -3.97
N GLY A 252 -12.13 -3.27 -4.37
CA GLY A 252 -11.31 -3.00 -5.54
C GLY A 252 -9.96 -3.68 -5.48
N ASP A 253 -9.41 -3.76 -4.27
CA ASP A 253 -8.14 -4.42 -4.05
C ASP A 253 -8.40 -5.62 -3.13
N PHE A 254 -7.61 -6.68 -3.30
CA PHE A 254 -7.75 -7.92 -2.53
C PHE A 254 -7.22 -7.89 -1.11
N ARG A 255 -6.37 -6.91 -0.81
CA ARG A 255 -5.75 -6.79 0.49
C ARG A 255 -6.53 -5.95 1.50
N ALA A 256 -7.66 -5.42 1.05
CA ALA A 256 -8.52 -4.59 1.89
C ALA A 256 -8.71 -5.14 3.29
N SER A 257 -8.66 -6.46 3.39
CA SER A 257 -8.96 -7.14 4.63
C SER A 257 -7.73 -7.52 5.57
N GLU A 258 -6.35 -7.36 5.19
CA GLU A 258 -5.15 -7.73 6.06
C GLU A 258 -5.43 -7.29 7.45
N GLN A 259 -6.00 -6.12 7.51
CA GLN A 259 -6.18 -5.58 8.83
C GLN A 259 -7.33 -4.59 8.97
N ILE A 260 -8.07 -4.85 10.04
CA ILE A 260 -9.22 -4.09 10.44
C ILE A 260 -9.20 -2.59 10.22
N LEU A 261 -8.04 -1.96 10.22
CA LEU A 261 -8.03 -0.52 9.99
C LEU A 261 -8.08 -0.20 8.51
N LEU A 262 -7.31 -0.92 7.70
CA LEU A 262 -7.35 -0.69 6.27
C LEU A 262 -8.76 -1.01 5.79
N ALA A 263 -9.37 -2.06 6.35
CA ALA A 263 -10.71 -2.45 5.94
C ALA A 263 -11.70 -1.36 6.26
N THR A 264 -11.39 -0.60 7.31
CA THR A 264 -12.24 0.51 7.76
C THR A 264 -12.17 1.68 6.79
N ALA A 265 -10.98 1.96 6.27
CA ALA A 265 -10.81 3.06 5.33
C ALA A 265 -11.49 2.72 4.02
N HIS A 266 -11.53 1.43 3.69
CA HIS A 266 -12.19 0.99 2.46
C HIS A 266 -13.69 1.25 2.56
N THR A 267 -14.23 1.14 3.77
CA THR A 267 -15.64 1.37 4.00
C THR A 267 -15.93 2.87 4.01
N LEU A 268 -14.95 3.67 4.38
CA LEU A 268 -15.19 5.10 4.39
C LEU A 268 -15.17 5.65 2.98
N LEU A 269 -14.52 4.94 2.07
CA LEU A 269 -14.45 5.40 0.68
C LEU A 269 -15.63 4.87 -0.13
N LEU A 270 -16.17 3.72 0.27
CA LEU A 270 -17.29 3.16 -0.45
C LEU A 270 -18.51 4.06 -0.22
N ARG A 271 -18.90 4.19 1.05
CA ARG A 271 -20.03 5.02 1.42
C ARG A 271 -20.00 6.34 0.66
N GLU A 272 -18.85 7.02 0.69
CA GLU A 272 -18.70 8.30 0.00
C GLU A 272 -18.96 8.26 -1.50
N HIS A 273 -18.71 7.11 -2.13
CA HIS A 273 -18.98 6.99 -3.57
C HIS A 273 -20.50 7.08 -3.71
N ASN A 274 -21.19 6.27 -2.92
CA ASN A 274 -22.63 6.28 -2.95
C ASN A 274 -23.20 7.63 -2.51
N ARG A 275 -22.58 8.27 -1.52
CA ARG A 275 -23.08 9.56 -1.06
C ARG A 275 -23.04 10.57 -2.19
N LEU A 276 -21.97 10.52 -3.00
CA LEU A 276 -21.82 11.44 -4.12
C LEU A 276 -22.71 11.03 -5.27
N ALA A 277 -22.79 9.72 -5.50
CA ALA A 277 -23.60 9.18 -6.57
C ALA A 277 -25.06 9.58 -6.44
N ARG A 278 -25.58 9.52 -5.21
CA ARG A 278 -26.97 9.84 -5.00
C ARG A 278 -27.25 11.34 -4.85
N GLU A 279 -26.22 12.13 -4.59
CA GLU A 279 -26.41 13.57 -4.49
C GLU A 279 -26.43 14.07 -5.94
N LEU A 280 -25.64 13.40 -6.79
CA LEU A 280 -25.52 13.72 -8.20
C LEU A 280 -26.79 13.37 -8.96
N LYS A 281 -27.66 12.58 -8.34
CA LYS A 281 -28.94 12.24 -8.97
C LYS A 281 -29.80 13.48 -8.69
N LYS A 282 -29.84 13.88 -7.42
CA LYS A 282 -30.58 15.05 -6.99
C LYS A 282 -30.35 16.32 -7.83
N LEU A 283 -29.11 16.57 -8.24
CA LEU A 283 -28.79 17.79 -9.00
C LEU A 283 -28.88 17.64 -10.52
N ASN A 284 -28.64 16.43 -11.03
CA ASN A 284 -28.71 16.12 -12.47
C ASN A 284 -29.58 14.86 -12.61
N PRO A 285 -30.90 14.99 -12.41
CA PRO A 285 -31.84 13.85 -12.50
C PRO A 285 -32.00 13.04 -13.78
N HIS A 286 -31.51 13.56 -14.89
CA HIS A 286 -31.62 12.87 -16.17
C HIS A 286 -30.38 12.06 -16.48
N TRP A 287 -29.51 11.95 -15.48
CA TRP A 287 -28.26 11.22 -15.64
C TRP A 287 -28.45 9.73 -15.38
N ASN A 288 -27.98 8.89 -16.31
CA ASN A 288 -28.11 7.45 -16.14
C ASN A 288 -27.08 6.87 -15.16
N GLY A 289 -27.35 5.65 -14.70
CA GLY A 289 -26.45 4.99 -13.76
C GLY A 289 -24.99 5.06 -14.13
N GLU A 290 -24.68 4.87 -15.42
CA GLU A 290 -23.29 4.92 -15.85
C GLU A 290 -22.75 6.33 -15.64
N LYS A 291 -23.43 7.34 -16.17
CA LYS A 291 -22.99 8.71 -15.99
C LYS A 291 -22.75 9.01 -14.52
N LEU A 292 -23.67 8.58 -13.66
CA LEU A 292 -23.50 8.82 -12.23
C LEU A 292 -22.28 8.07 -11.69
N TYR A 293 -22.14 6.81 -12.08
CA TYR A 293 -21.01 6.01 -11.65
C TYR A 293 -19.70 6.74 -11.96
N GLN A 294 -19.51 7.13 -13.21
CA GLN A 294 -18.27 7.80 -13.65
C GLN A 294 -17.93 9.14 -13.00
N GLU A 295 -18.83 10.12 -13.09
CA GLU A 295 -18.52 11.41 -12.49
C GLU A 295 -18.31 11.26 -10.99
N ALA A 296 -19.02 10.34 -10.35
CA ALA A 296 -18.83 10.13 -8.91
C ALA A 296 -17.39 9.63 -8.77
N ARG A 297 -17.12 8.48 -9.40
CA ARG A 297 -15.79 7.88 -9.42
C ARG A 297 -14.71 8.89 -9.77
N LYS A 298 -14.91 9.61 -10.87
CA LYS A 298 -13.95 10.60 -11.32
C LYS A 298 -13.63 11.60 -10.19
N ILE A 299 -14.59 11.87 -9.32
CA ILE A 299 -14.33 12.81 -8.23
C ILE A 299 -13.46 12.19 -7.14
N LEU A 300 -13.88 11.03 -6.65
CA LEU A 300 -13.15 10.33 -5.60
C LEU A 300 -11.67 10.24 -6.00
N GLY A 301 -11.42 10.04 -7.28
CA GLY A 301 -10.05 9.98 -7.74
C GLY A 301 -9.37 11.28 -7.39
N ALA A 302 -10.10 12.38 -7.56
CA ALA A 302 -9.57 13.72 -7.23
C ALA A 302 -9.34 13.84 -5.72
N PHE A 303 -10.34 13.44 -4.92
CA PHE A 303 -10.21 13.49 -3.47
C PHE A 303 -8.90 12.80 -3.05
N ILE A 304 -8.63 11.62 -3.60
CA ILE A 304 -7.41 10.89 -3.27
C ILE A 304 -6.12 11.62 -3.71
N GLN A 305 -6.07 12.07 -4.96
CA GLN A 305 -4.90 12.77 -5.48
C GLN A 305 -4.57 14.01 -4.65
N ILE A 306 -5.58 14.86 -4.46
CA ILE A 306 -5.46 16.10 -3.70
C ILE A 306 -4.87 15.85 -2.32
N ILE A 307 -5.59 15.07 -1.52
CA ILE A 307 -5.17 14.76 -0.17
C ILE A 307 -3.78 14.14 -0.14
N THR A 308 -3.50 13.30 -1.12
CA THR A 308 -2.21 12.65 -1.22
C THR A 308 -1.16 13.70 -1.43
N PHE A 309 -1.35 14.49 -2.48
CA PHE A 309 -0.37 15.51 -2.82
C PHE A 309 -0.38 16.78 -2.00
N ARG A 310 -1.52 17.09 -1.40
CA ARG A 310 -1.63 18.30 -0.60
C ARG A 310 -1.34 18.07 0.89
N ASP A 311 -2.07 17.14 1.49
CA ASP A 311 -1.91 16.88 2.92
C ASP A 311 -0.98 15.75 3.33
N TYR A 312 -0.56 14.91 2.38
CA TYR A 312 0.26 13.77 2.77
C TYR A 312 1.76 13.82 2.47
N LEU A 313 2.11 14.09 1.21
CA LEU A 313 3.51 14.11 0.82
C LEU A 313 4.40 15.19 1.45
N PRO A 314 3.87 16.39 1.69
CA PRO A 314 4.83 17.31 2.28
C PRO A 314 5.27 16.99 3.72
N ILE A 315 4.46 16.29 4.50
CA ILE A 315 4.91 15.93 5.85
C ILE A 315 5.72 14.63 5.78
N VAL A 316 6.02 14.18 4.57
CA VAL A 316 6.81 12.97 4.43
C VAL A 316 8.13 13.27 3.73
N LEU A 317 8.07 13.83 2.53
CA LEU A 317 9.30 14.18 1.84
C LEU A 317 9.92 15.34 2.61
N GLY A 318 9.14 15.90 3.52
CA GLY A 318 9.60 17.00 4.36
C GLY A 318 10.14 18.17 3.57
N SER A 319 11.35 18.58 3.88
CA SER A 319 11.95 19.69 3.16
C SER A 319 12.34 19.25 1.77
N GLU A 320 12.62 17.96 1.60
CA GLU A 320 13.03 17.40 0.31
C GLU A 320 12.00 17.50 -0.81
N MET A 321 10.72 17.59 -0.45
CA MET A 321 9.64 17.66 -1.43
C MET A 321 9.88 18.55 -2.65
N GLN A 322 10.28 19.79 -2.41
CA GLN A 322 10.51 20.77 -3.47
C GLN A 322 11.66 20.44 -4.42
N LYS A 323 12.59 19.63 -3.94
CA LYS A 323 13.76 19.22 -4.70
C LYS A 323 13.39 18.12 -5.67
N TRP A 324 12.19 17.60 -5.53
CA TRP A 324 11.74 16.51 -6.37
C TRP A 324 10.45 16.72 -7.12
N ILE A 325 9.52 17.34 -6.42
CA ILE A 325 8.20 17.58 -6.98
C ILE A 325 7.95 19.05 -7.18
N PRO A 326 8.43 19.58 -8.31
CA PRO A 326 8.26 20.98 -8.67
C PRO A 326 6.78 21.21 -8.81
N PRO A 327 6.34 22.47 -8.74
CA PRO A 327 4.90 22.67 -8.90
C PRO A 327 4.43 22.05 -10.23
N TYR A 328 3.12 21.93 -10.37
CA TYR A 328 2.51 21.32 -11.53
C TYR A 328 2.38 22.24 -12.76
N GLN A 329 3.09 21.91 -13.83
CA GLN A 329 3.05 22.69 -15.07
C GLN A 329 2.20 22.04 -16.18
N GLY A 330 1.44 21.00 -15.84
CA GLY A 330 0.60 20.35 -16.84
C GLY A 330 1.09 19.01 -17.37
N TYR A 331 0.15 18.23 -17.93
CA TYR A 331 0.44 16.91 -18.49
C TYR A 331 1.62 16.95 -19.43
N ASN A 332 2.47 15.93 -19.33
CA ASN A 332 3.60 15.84 -20.22
C ASN A 332 3.66 14.43 -20.82
N ASN A 333 3.25 14.34 -22.08
CA ASN A 333 3.20 13.07 -22.80
C ASN A 333 4.45 12.22 -22.77
N SER A 334 5.62 12.83 -22.62
CA SER A 334 6.85 12.06 -22.62
C SER A 334 7.25 11.41 -21.30
N VAL A 335 6.47 11.63 -20.24
CA VAL A 335 6.79 11.03 -18.95
C VAL A 335 6.26 9.60 -18.80
N ASP A 336 7.09 8.72 -18.23
CA ASP A 336 6.71 7.34 -18.01
C ASP A 336 6.06 7.32 -16.64
N PRO A 337 4.73 7.11 -16.58
CA PRO A 337 3.95 7.07 -15.35
C PRO A 337 3.97 5.76 -14.59
N ARG A 338 4.62 4.74 -15.16
CA ARG A 338 4.68 3.43 -14.52
C ARG A 338 5.38 3.35 -13.16
N ILE A 339 4.95 2.38 -12.36
CA ILE A 339 5.54 2.17 -11.06
C ILE A 339 6.79 1.30 -11.26
N SER A 340 7.92 1.73 -10.70
CA SER A 340 9.15 0.99 -10.85
C SER A 340 9.14 -0.14 -9.85
N ASN A 341 9.98 -1.13 -10.08
CA ASN A 341 10.05 -2.27 -9.18
C ASN A 341 10.55 -1.83 -7.82
N VAL A 342 11.58 -0.97 -7.79
CA VAL A 342 12.14 -0.50 -6.53
C VAL A 342 11.16 0.33 -5.66
N PHE A 343 10.35 1.18 -6.27
CA PHE A 343 9.40 1.97 -5.50
C PHE A 343 8.56 1.05 -4.63
N THR A 344 8.18 -0.12 -5.15
CA THR A 344 7.34 -1.03 -4.39
C THR A 344 8.02 -1.49 -3.10
N PHE A 345 9.34 -1.38 -3.05
CA PHE A 345 10.05 -1.76 -1.85
C PHE A 345 10.33 -0.50 -1.03
N ALA A 346 10.42 0.62 -1.73
CA ALA A 346 10.70 1.90 -1.08
C ALA A 346 9.51 2.38 -0.25
N PHE A 347 8.31 2.00 -0.66
CA PHE A 347 7.13 2.44 0.05
C PHE A 347 6.87 1.60 1.30
N ARG A 348 7.57 0.48 1.44
CA ARG A 348 7.38 -0.37 2.62
C ARG A 348 7.94 0.27 3.88
N PHE A 349 8.37 1.53 3.76
CA PHE A 349 8.92 2.20 4.92
C PHE A 349 7.73 2.35 5.86
N GLY A 350 6.55 2.39 5.27
CA GLY A 350 5.34 2.52 6.06
C GLY A 350 5.25 1.44 7.11
N HIS A 351 6.02 0.37 6.94
CA HIS A 351 6.00 -0.75 7.89
C HIS A 351 6.60 -0.43 9.25
N MET A 352 7.38 0.64 9.33
CA MET A 352 8.01 1.00 10.59
C MET A 352 7.17 1.99 11.34
N GLU A 353 6.04 2.37 10.74
CA GLU A 353 5.14 3.34 11.34
C GLU A 353 3.93 2.66 11.97
N VAL A 354 3.94 1.33 11.97
CA VAL A 354 2.84 0.58 12.52
C VAL A 354 3.04 0.35 14.01
N PRO A 355 2.10 0.84 14.84
CA PRO A 355 2.16 0.69 16.28
C PRO A 355 1.79 -0.73 16.67
N SER A 356 1.93 -1.06 17.94
CA SER A 356 1.65 -2.40 18.42
C SER A 356 0.20 -2.74 18.75
N THR A 357 -0.67 -1.74 18.87
CA THR A 357 -2.08 -2.03 19.17
C THR A 357 -3.09 -1.05 18.59
N VAL A 358 -4.33 -1.51 18.44
CA VAL A 358 -5.42 -0.71 17.91
C VAL A 358 -6.45 -0.41 19.01
N SER A 359 -6.80 0.87 19.12
CA SER A 359 -7.75 1.32 20.14
C SER A 359 -9.14 1.58 19.60
N ARG A 360 -10.12 1.46 20.49
CA ARG A 360 -11.52 1.72 20.17
C ARG A 360 -12.02 2.78 21.15
N LEU A 361 -12.61 3.86 20.64
CA LEU A 361 -13.08 4.95 21.49
C LEU A 361 -14.59 5.27 21.43
N ASP A 362 -15.16 5.75 22.55
CA ASP A 362 -16.59 6.11 22.56
C ASP A 362 -16.73 7.59 22.17
N GLU A 363 -17.96 8.12 22.17
CA GLU A 363 -18.20 9.51 21.78
C GLU A 363 -17.37 10.62 22.46
N ASN A 364 -17.11 10.54 23.76
CA ASN A 364 -16.28 11.58 24.36
C ASN A 364 -14.88 10.97 24.31
N TYR A 365 -14.55 10.41 23.15
CA TYR A 365 -13.26 9.78 22.88
C TYR A 365 -12.59 9.04 24.04
N GLN A 366 -13.33 8.19 24.73
CA GLN A 366 -12.75 7.46 25.85
C GLN A 366 -12.71 5.96 25.59
N PRO A 367 -11.75 5.26 26.23
CA PRO A 367 -11.59 3.82 26.06
C PRO A 367 -12.95 3.16 25.93
N TRP A 368 -13.22 2.63 24.75
CA TRP A 368 -14.50 2.03 24.46
C TRP A 368 -14.97 0.88 25.34
N GLY A 369 -14.58 0.86 26.62
CA GLY A 369 -15.02 -0.24 27.45
C GLY A 369 -13.90 -1.21 27.73
N PRO A 370 -14.12 -2.18 28.61
CA PRO A 370 -13.15 -3.21 29.03
C PRO A 370 -11.97 -3.60 28.12
N GLU A 371 -12.26 -4.10 26.93
CA GLU A 371 -11.19 -4.52 26.02
C GLU A 371 -11.04 -3.62 24.80
N ALA A 372 -11.19 -2.32 25.04
CA ALA A 372 -11.10 -1.29 24.02
C ALA A 372 -9.79 -1.25 23.24
N GLU A 373 -8.72 -1.76 23.84
CA GLU A 373 -7.42 -1.76 23.18
C GLU A 373 -6.95 -3.18 22.98
N LEU A 374 -6.66 -3.52 21.72
CA LEU A 374 -6.21 -4.87 21.36
C LEU A 374 -4.84 -4.88 20.68
N PRO A 375 -4.05 -5.95 20.86
CA PRO A 375 -2.75 -5.92 20.19
C PRO A 375 -3.00 -6.19 18.70
N LEU A 376 -2.22 -5.54 17.86
CA LEU A 376 -2.38 -5.65 16.41
C LEU A 376 -2.59 -7.02 15.79
N HIS A 377 -1.81 -8.02 16.22
CA HIS A 377 -1.92 -9.32 15.58
C HIS A 377 -3.28 -10.00 15.64
N THR A 378 -4.14 -9.61 16.59
CA THR A 378 -5.48 -10.21 16.66
C THR A 378 -6.40 -9.59 15.63
N LEU A 379 -5.86 -8.72 14.78
CA LEU A 379 -6.68 -8.06 13.79
C LEU A 379 -6.36 -8.39 12.33
N PHE A 380 -5.32 -9.18 12.09
CA PHE A 380 -5.03 -9.52 10.71
C PHE A 380 -6.25 -10.30 10.22
N PHE A 381 -6.79 -9.89 9.08
CA PHE A 381 -7.94 -10.56 8.48
C PHE A 381 -9.06 -10.71 9.47
N ASN A 382 -9.30 -9.64 10.23
CA ASN A 382 -10.32 -9.62 11.26
C ASN A 382 -11.50 -8.76 10.84
N THR A 383 -12.59 -9.40 10.44
CA THR A 383 -13.80 -8.70 10.02
C THR A 383 -14.86 -8.72 11.12
N TRP A 384 -14.88 -9.80 11.92
CA TRP A 384 -15.88 -9.91 12.96
C TRP A 384 -15.84 -8.81 14.02
N ARG A 385 -14.69 -8.16 14.20
CA ARG A 385 -14.61 -7.08 15.18
C ARG A 385 -15.45 -5.89 14.68
N ILE A 386 -15.35 -5.58 13.41
CA ILE A 386 -16.12 -4.47 12.85
C ILE A 386 -17.61 -4.81 12.93
N ILE A 387 -18.00 -5.89 12.26
CA ILE A 387 -19.39 -6.35 12.20
C ILE A 387 -20.10 -6.50 13.56
N LYS A 388 -19.49 -7.26 14.46
CA LYS A 388 -20.08 -7.55 15.77
C LYS A 388 -19.46 -6.85 16.97
N ASP A 389 -18.84 -5.68 16.80
CA ASP A 389 -18.24 -5.05 17.96
C ASP A 389 -18.12 -3.52 17.91
N GLY A 390 -19.18 -2.86 17.44
CA GLY A 390 -19.17 -1.41 17.41
C GLY A 390 -19.29 -0.75 16.06
N GLY A 391 -18.83 -1.41 15.01
CA GLY A 391 -18.89 -0.82 13.69
C GLY A 391 -17.56 -0.12 13.41
N ILE A 392 -17.59 1.10 12.90
CA ILE A 392 -16.35 1.80 12.60
C ILE A 392 -16.16 3.15 13.30
N ASP A 393 -17.25 3.74 13.79
CA ASP A 393 -17.12 5.01 14.47
C ASP A 393 -16.09 4.83 15.60
N PRO A 394 -16.26 3.77 16.43
CA PRO A 394 -15.25 3.63 17.49
C PRO A 394 -13.82 3.51 16.93
N LEU A 395 -13.66 2.77 15.83
CA LEU A 395 -12.35 2.57 15.19
C LEU A 395 -11.83 3.84 14.52
N VAL A 396 -12.69 4.50 13.77
CA VAL A 396 -12.28 5.69 13.07
C VAL A 396 -11.87 6.81 14.05
N ARG A 397 -12.55 6.89 15.21
CA ARG A 397 -12.16 7.92 16.18
C ARG A 397 -10.71 7.58 16.54
N GLY A 398 -10.46 6.29 16.66
CA GLY A 398 -9.13 5.81 16.99
C GLY A 398 -8.06 6.39 16.09
N LEU A 399 -8.18 6.21 14.77
CA LEU A 399 -7.18 6.73 13.82
C LEU A 399 -6.87 8.22 14.00
N LEU A 400 -7.78 8.96 14.62
CA LEU A 400 -7.56 10.39 14.83
C LEU A 400 -6.91 10.76 16.16
N ALA A 401 -7.46 10.24 17.26
CA ALA A 401 -6.91 10.52 18.57
C ALA A 401 -5.59 9.79 18.81
N LYS A 402 -5.39 8.67 18.12
CA LYS A 402 -4.16 7.91 18.31
C LYS A 402 -3.02 8.33 17.37
N LYS A 403 -1.81 7.90 17.71
CA LYS A 403 -0.59 8.23 16.96
C LYS A 403 0.06 7.06 16.21
N SER A 404 0.89 7.40 15.23
CA SER A 404 1.61 6.40 14.45
C SER A 404 2.83 6.04 15.25
N LYS A 405 3.52 4.98 14.81
CA LYS A 405 4.75 4.58 15.47
C LYS A 405 5.82 5.36 14.73
N LEU A 406 6.69 6.04 15.47
CA LEU A 406 7.76 6.76 14.83
C LEU A 406 8.80 5.73 14.43
N MET A 407 9.35 5.86 13.23
CA MET A 407 10.39 4.95 12.79
C MET A 407 11.60 5.52 13.51
N ASN A 408 12.43 4.66 14.06
CA ASN A 408 13.59 5.15 14.75
C ASN A 408 14.63 4.04 14.65
N GLN A 409 15.91 4.39 14.67
CA GLN A 409 16.96 3.41 14.47
C GLN A 409 17.13 2.21 15.37
N ASP A 410 16.75 2.32 16.64
CA ASP A 410 16.94 1.19 17.56
C ASP A 410 15.71 0.29 17.69
N LYS A 411 14.55 0.85 17.40
CA LYS A 411 13.30 0.11 17.42
C LYS A 411 12.74 0.39 16.04
N MET A 412 12.68 -0.64 15.20
CA MET A 412 12.21 -0.47 13.84
C MET A 412 10.82 -1.04 13.56
N VAL A 413 10.70 -2.35 13.63
CA VAL A 413 9.43 -2.99 13.34
C VAL A 413 8.83 -3.60 14.60
N THR A 414 7.57 -3.33 14.85
CA THR A 414 6.92 -3.90 16.03
C THR A 414 6.96 -5.42 15.96
N SER A 415 6.84 -6.07 17.10
CA SER A 415 6.88 -7.53 17.14
C SER A 415 5.63 -8.13 16.56
N GLU A 416 4.54 -7.36 16.59
CA GLU A 416 3.28 -7.83 16.08
C GLU A 416 3.36 -8.18 14.59
N LEU A 417 4.21 -7.47 13.86
CA LEU A 417 4.41 -7.69 12.43
C LEU A 417 5.64 -8.56 12.17
N ARG A 418 6.64 -8.47 13.04
CA ARG A 418 7.87 -9.23 12.84
C ARG A 418 7.92 -10.63 13.41
N ASN A 419 7.04 -10.91 14.36
CA ASN A 419 7.01 -12.23 14.97
C ASN A 419 5.66 -12.91 14.89
N LYS A 420 4.59 -12.14 14.95
CA LYS A 420 3.24 -12.72 14.93
C LYS A 420 2.36 -12.40 13.71
N LEU A 421 2.93 -12.29 12.52
CA LEU A 421 2.12 -12.00 11.33
C LEU A 421 1.35 -13.24 10.85
N PHE A 422 0.18 -13.01 10.28
CA PHE A 422 -0.66 -14.10 9.77
C PHE A 422 -0.87 -13.97 8.26
N GLN A 423 -0.67 -15.05 7.51
CA GLN A 423 -0.84 -15.03 6.06
C GLN A 423 -2.13 -15.77 5.68
N PRO A 424 -2.84 -15.31 4.63
CA PRO A 424 -4.10 -15.91 4.15
C PRO A 424 -3.96 -17.38 3.75
N THR A 425 -2.88 -17.66 3.03
CA THR A 425 -2.60 -18.99 2.51
C THR A 425 -2.36 -20.08 3.56
N HIS A 426 -1.84 -19.69 4.72
CA HIS A 426 -1.53 -20.65 5.77
C HIS A 426 -2.34 -20.38 7.03
N LYS A 427 -2.17 -21.18 8.07
CA LYS A 427 -2.98 -20.95 9.25
C LYS A 427 -2.32 -20.67 10.61
N ILE A 428 -1.26 -19.86 10.59
CA ILE A 428 -0.61 -19.50 11.83
C ILE A 428 -0.17 -18.05 11.88
N HIS A 429 -0.47 -17.39 12.98
CA HIS A 429 -0.02 -16.05 13.19
C HIS A 429 1.41 -16.42 13.60
N GLY A 430 2.38 -16.24 12.70
CA GLY A 430 3.73 -16.61 13.05
C GLY A 430 4.74 -16.27 12.00
N PHE A 431 4.40 -15.34 11.12
CA PHE A 431 5.32 -14.95 10.08
C PHE A 431 6.03 -13.65 10.45
N ASP A 432 7.05 -13.31 9.66
CA ASP A 432 7.83 -12.10 9.87
C ASP A 432 7.83 -11.19 8.66
N LEU A 433 7.16 -10.05 8.76
CA LEU A 433 7.10 -9.11 7.64
C LEU A 433 8.47 -8.52 7.21
N ALA A 434 9.39 -8.41 8.18
CA ALA A 434 10.72 -7.88 7.91
C ALA A 434 11.48 -8.88 7.07
N ALA A 435 11.53 -10.12 7.54
CA ALA A 435 12.22 -11.19 6.81
C ALA A 435 11.57 -11.29 5.44
N ILE A 436 10.27 -11.55 5.41
CA ILE A 436 9.53 -11.64 4.16
C ILE A 436 9.89 -10.49 3.23
N ASN A 437 9.93 -9.26 3.76
CA ASN A 437 10.29 -8.07 2.97
C ASN A 437 11.68 -8.21 2.38
N LEU A 438 12.64 -8.57 3.23
CA LEU A 438 14.02 -8.74 2.81
C LEU A 438 14.17 -9.83 1.75
N GLN A 439 13.39 -10.90 1.87
CA GLN A 439 13.50 -11.94 0.87
C GLN A 439 12.93 -11.39 -0.45
N ARG A 440 11.80 -10.71 -0.36
CA ARG A 440 11.15 -10.16 -1.52
C ARG A 440 12.08 -9.28 -2.37
N CYS A 441 12.93 -8.47 -1.73
CA CYS A 441 13.85 -7.62 -2.49
C CYS A 441 14.75 -8.50 -3.35
N ARG A 442 15.02 -9.70 -2.87
CA ARG A 442 15.90 -10.61 -3.57
C ARG A 442 15.15 -11.38 -4.64
N ASP A 443 13.93 -11.77 -4.33
CA ASP A 443 13.11 -12.47 -5.30
C ASP A 443 12.99 -11.58 -6.56
N HIS A 444 12.76 -10.28 -6.36
CA HIS A 444 12.63 -9.31 -7.47
C HIS A 444 13.93 -8.89 -8.11
N GLY A 445 15.04 -9.46 -7.66
CA GLY A 445 16.33 -9.12 -8.23
C GLY A 445 16.73 -7.65 -8.11
N MET A 446 16.59 -7.11 -6.90
CA MET A 446 16.93 -5.72 -6.62
C MET A 446 18.43 -5.45 -6.43
N PRO A 447 18.93 -4.37 -7.05
CA PRO A 447 20.34 -4.01 -6.93
C PRO A 447 20.58 -3.59 -5.47
N GLY A 448 21.82 -3.78 -5.01
CA GLY A 448 22.17 -3.43 -3.65
C GLY A 448 21.88 -1.99 -3.24
N TYR A 449 22.28 -1.67 -2.02
CA TYR A 449 22.08 -0.36 -1.42
C TYR A 449 22.90 0.74 -2.08
N ASN A 450 24.21 0.52 -2.26
CA ASN A 450 25.06 1.54 -2.88
C ASN A 450 24.71 1.86 -4.33
N SER A 451 24.14 0.91 -5.07
CA SER A 451 23.76 1.19 -6.45
C SER A 451 22.81 2.38 -6.41
N TRP A 452 21.75 2.23 -5.62
CA TRP A 452 20.72 3.27 -5.46
C TRP A 452 21.27 4.56 -4.87
N ARG A 453 22.26 4.41 -3.99
CA ARG A 453 22.89 5.58 -3.39
C ARG A 453 23.45 6.37 -4.56
N GLY A 454 24.16 5.69 -5.45
CA GLY A 454 24.72 6.32 -6.62
C GLY A 454 23.66 6.87 -7.56
N PHE A 455 22.62 6.07 -7.83
CA PHE A 455 21.53 6.46 -8.72
C PHE A 455 20.88 7.80 -8.36
N CYS A 456 20.79 8.09 -7.07
CA CYS A 456 20.17 9.32 -6.58
C CYS A 456 21.17 10.43 -6.35
N GLY A 457 22.41 10.21 -6.78
CA GLY A 457 23.45 11.19 -6.60
C GLY A 457 23.91 11.37 -5.17
N LEU A 458 23.90 10.29 -4.38
CA LEU A 458 24.32 10.33 -2.98
C LEU A 458 25.63 9.57 -2.83
N SER A 459 26.44 9.93 -1.84
CA SER A 459 27.72 9.25 -1.66
C SER A 459 27.52 7.74 -1.48
N GLN A 460 28.60 6.97 -1.52
CA GLN A 460 28.50 5.52 -1.40
C GLN A 460 29.56 4.96 -0.48
N PRO A 461 29.16 4.55 0.75
CA PRO A 461 30.08 3.98 1.74
C PRO A 461 30.72 2.67 1.27
N LYS A 462 31.99 2.48 1.62
CA LYS A 462 32.72 1.24 1.26
C LYS A 462 33.33 0.70 2.54
N THR A 463 33.18 1.46 3.62
CA THR A 463 33.78 1.12 4.90
C THR A 463 32.88 1.41 6.10
N LEU A 464 33.13 0.69 7.19
CA LEU A 464 32.37 0.87 8.43
C LEU A 464 32.37 2.36 8.75
N LYS A 465 33.55 2.97 8.69
CA LYS A 465 33.73 4.39 8.97
C LYS A 465 32.87 5.21 8.00
N GLY A 466 32.77 4.75 6.76
CA GLY A 466 31.96 5.48 5.80
C GLY A 466 30.48 5.29 6.13
N LEU A 467 30.13 4.06 6.48
CA LEU A 467 28.77 3.68 6.83
C LEU A 467 28.27 4.35 8.12
N GLN A 468 29.19 4.59 9.05
CA GLN A 468 28.85 5.23 10.30
C GLN A 468 28.41 6.67 10.05
N THR A 469 29.19 7.36 9.24
CA THR A 469 28.90 8.74 8.89
C THR A 469 27.57 8.90 8.14
N VAL A 470 27.33 8.06 7.14
CA VAL A 470 26.07 8.17 6.40
C VAL A 470 24.87 7.88 7.31
N LEU A 471 24.90 6.73 7.97
CA LEU A 471 23.83 6.34 8.88
C LEU A 471 23.82 7.19 10.15
N LYS A 472 24.94 7.84 10.45
CA LYS A 472 25.04 8.67 11.64
C LYS A 472 24.70 7.83 12.86
N ASN A 473 25.25 6.62 12.92
CA ASN A 473 24.97 5.72 14.01
C ASN A 473 25.97 4.58 14.03
N LYS A 474 26.86 4.64 15.02
CA LYS A 474 27.94 3.68 15.20
C LYS A 474 27.57 2.21 15.38
N ILE A 475 26.67 1.89 16.30
CA ILE A 475 26.32 0.47 16.50
C ILE A 475 25.52 -0.08 15.31
N LEU A 476 24.57 0.68 14.79
CA LEU A 476 23.77 0.20 13.67
C LEU A 476 24.62 -0.16 12.45
N ALA A 477 25.57 0.69 12.11
CA ALA A 477 26.43 0.45 10.95
C ALA A 477 27.27 -0.82 11.16
N LYS A 478 27.75 -0.98 12.39
CA LYS A 478 28.59 -2.13 12.78
C LYS A 478 27.86 -3.46 12.56
N LYS A 479 26.60 -3.53 12.95
CA LYS A 479 25.81 -4.75 12.80
C LYS A 479 25.50 -5.01 11.35
N LEU A 480 25.20 -3.93 10.63
CA LEU A 480 24.89 -4.03 9.22
C LEU A 480 26.12 -4.62 8.55
N MET A 481 27.28 -4.11 8.94
CA MET A 481 28.56 -4.58 8.41
C MET A 481 28.90 -6.03 8.74
N ASP A 482 28.68 -6.45 9.98
CA ASP A 482 28.98 -7.82 10.38
C ASP A 482 28.19 -8.83 9.55
N LEU A 483 27.01 -8.41 9.14
CA LEU A 483 26.11 -9.27 8.36
C LEU A 483 26.25 -9.24 6.85
N TYR A 484 26.43 -8.04 6.30
CA TYR A 484 26.53 -7.87 4.87
C TYR A 484 27.94 -7.84 4.30
N LYS A 485 28.94 -7.80 5.18
CA LYS A 485 30.35 -7.78 4.77
C LYS A 485 30.69 -6.66 3.78
N THR A 486 29.69 -5.93 3.32
CA THR A 486 29.93 -4.84 2.39
C THR A 486 28.63 -4.07 2.21
N PRO A 487 28.70 -2.73 2.28
CA PRO A 487 27.51 -1.89 2.12
C PRO A 487 26.88 -2.14 0.75
N ASP A 488 27.67 -2.72 -0.14
CA ASP A 488 27.23 -3.02 -1.49
C ASP A 488 26.17 -4.13 -1.57
N ASN A 489 26.12 -5.02 -0.56
CA ASN A 489 25.16 -6.11 -0.56
C ASN A 489 23.94 -5.84 0.29
N ILE A 490 23.88 -4.67 0.92
CA ILE A 490 22.76 -4.37 1.79
C ILE A 490 21.47 -4.16 1.04
N ASP A 491 20.51 -5.04 1.32
CA ASP A 491 19.19 -5.02 0.70
C ASP A 491 18.63 -3.61 0.86
N ILE A 492 18.26 -3.00 -0.25
CA ILE A 492 17.72 -1.66 -0.28
C ILE A 492 16.67 -1.33 0.80
N TRP A 493 15.80 -2.27 1.16
CA TRP A 493 14.79 -1.98 2.18
C TRP A 493 15.43 -1.54 3.49
N ILE A 494 16.30 -2.41 4.01
CA ILE A 494 16.97 -2.12 5.25
C ILE A 494 17.89 -0.93 4.97
N GLY A 495 18.44 -0.89 3.77
CA GLY A 495 19.31 0.23 3.43
C GLY A 495 18.60 1.55 3.62
N GLY A 496 17.52 1.75 2.87
CA GLY A 496 16.76 2.97 2.93
C GLY A 496 16.21 3.42 4.28
N ASN A 497 15.66 2.49 5.05
CA ASN A 497 15.07 2.85 6.34
C ASN A 497 16.04 3.06 7.48
N ALA A 498 17.31 2.76 7.27
CA ALA A 498 18.28 2.97 8.34
C ALA A 498 18.88 4.36 8.27
N GLU A 499 18.69 5.08 7.17
CA GLU A 499 19.24 6.42 7.08
C GLU A 499 18.38 7.30 7.97
N PRO A 500 19.01 8.25 8.69
CA PRO A 500 18.28 9.16 9.57
C PRO A 500 17.23 9.93 8.74
N MET A 501 16.30 10.61 9.38
CA MET A 501 15.28 11.31 8.62
C MET A 501 15.61 12.74 8.20
N VAL A 502 15.08 13.12 7.05
CA VAL A 502 15.29 14.46 6.52
C VAL A 502 14.47 15.43 7.37
N GLU A 503 14.89 16.69 7.35
CA GLU A 503 14.21 17.72 8.11
C GLU A 503 12.74 17.86 7.72
N ARG A 504 11.86 17.72 8.71
CA ARG A 504 10.41 17.85 8.56
C ARG A 504 9.64 16.70 7.91
N GLY A 505 10.34 15.71 7.37
CA GLY A 505 9.65 14.59 6.75
C GLY A 505 9.69 13.38 7.66
N ARG A 506 9.59 12.19 7.10
CA ARG A 506 9.65 10.96 7.90
C ARG A 506 10.45 9.85 7.22
N VAL A 507 11.38 10.26 6.36
CA VAL A 507 12.23 9.32 5.62
C VAL A 507 13.50 10.04 5.23
N GLY A 508 14.57 9.26 5.05
CA GLY A 508 15.87 9.82 4.69
C GLY A 508 16.06 10.20 3.23
N PRO A 509 17.24 10.75 2.89
CA PRO A 509 17.70 11.22 1.58
C PRO A 509 17.43 10.28 0.42
N LEU A 510 17.89 9.04 0.56
CA LEU A 510 17.73 8.05 -0.49
C LEU A 510 16.27 7.86 -0.80
N LEU A 511 15.54 7.35 0.17
CA LEU A 511 14.13 7.09 0.03
C LEU A 511 13.35 8.31 -0.43
N ALA A 512 13.76 9.50 0.01
CA ALA A 512 13.07 10.75 -0.39
C ALA A 512 13.21 10.92 -1.88
N CYS A 513 14.35 10.50 -2.40
CA CYS A 513 14.64 10.58 -3.82
C CYS A 513 13.79 9.58 -4.61
N LEU A 514 13.79 8.32 -4.18
CA LEU A 514 13.01 7.28 -4.85
C LEU A 514 11.51 7.61 -4.83
N LEU A 515 10.97 7.92 -3.66
CA LEU A 515 9.57 8.30 -3.57
C LEU A 515 9.38 9.62 -4.30
N GLY A 516 10.22 10.58 -3.96
CA GLY A 516 10.14 11.88 -4.60
C GLY A 516 9.98 11.77 -6.10
N ARG A 517 10.77 10.90 -6.73
CA ARG A 517 10.69 10.73 -8.18
C ARG A 517 9.42 10.09 -8.69
N GLN A 518 9.02 8.98 -8.07
CA GLN A 518 7.82 8.27 -8.50
C GLN A 518 6.51 9.08 -8.52
N PHE A 519 6.27 9.90 -7.50
CA PHE A 519 5.03 10.69 -7.46
C PHE A 519 5.11 11.89 -8.37
N GLN A 520 6.32 12.27 -8.73
CA GLN A 520 6.52 13.39 -9.63
C GLN A 520 6.07 12.82 -10.96
N GLN A 521 6.61 11.65 -11.27
CA GLN A 521 6.27 10.96 -12.50
C GLN A 521 4.82 10.56 -12.63
N ILE A 522 4.20 10.00 -11.60
CA ILE A 522 2.81 9.62 -11.80
C ILE A 522 1.89 10.82 -11.86
N ARG A 523 2.41 12.01 -11.57
CA ARG A 523 1.61 13.23 -11.62
C ARG A 523 1.74 13.96 -12.97
N ASP A 524 2.97 14.13 -13.41
CA ASP A 524 3.21 14.81 -14.68
C ASP A 524 2.72 13.96 -15.85
N GLY A 525 2.73 12.65 -15.65
CA GLY A 525 2.31 11.72 -16.69
C GLY A 525 0.86 11.26 -16.66
N ASP A 526 0.04 11.81 -15.77
CA ASP A 526 -1.36 11.42 -15.71
C ASP A 526 -2.19 12.43 -16.47
N ARG A 527 -2.78 11.98 -17.58
CA ARG A 527 -3.62 12.83 -18.42
C ARG A 527 -4.88 13.19 -17.67
N PHE A 528 -5.24 12.35 -16.70
CA PHE A 528 -6.42 12.58 -15.90
C PHE A 528 -6.10 13.18 -14.55
N TRP A 529 -4.91 13.78 -14.44
CA TRP A 529 -4.52 14.44 -13.20
C TRP A 529 -5.64 15.46 -13.02
N TRP A 530 -6.05 15.73 -11.78
CA TRP A 530 -7.15 16.65 -11.56
C TRP A 530 -6.84 18.12 -11.83
N GLU A 531 -5.58 18.52 -11.73
CA GLU A 531 -5.20 19.91 -11.99
C GLU A 531 -4.93 20.08 -13.47
N ASN A 532 -5.38 19.12 -14.26
CA ASN A 532 -5.14 19.16 -15.70
C ASN A 532 -6.20 19.92 -16.46
N PRO A 533 -5.81 21.08 -17.00
CA PRO A 533 -6.66 21.98 -17.79
C PRO A 533 -7.55 21.20 -18.76
N GLY A 534 -8.74 20.84 -18.28
CA GLY A 534 -9.65 20.10 -19.12
C GLY A 534 -10.47 19.08 -18.36
N VAL A 535 -9.77 18.25 -17.56
CA VAL A 535 -10.41 17.19 -16.78
C VAL A 535 -11.67 17.64 -16.04
N PHE A 536 -11.58 18.68 -15.24
CA PHE A 536 -12.75 19.19 -14.53
C PHE A 536 -12.90 20.63 -14.94
N THR A 537 -13.98 21.28 -14.52
CA THR A 537 -14.12 22.67 -14.89
C THR A 537 -13.46 23.56 -13.86
N GLU A 538 -13.07 24.73 -14.35
CA GLU A 538 -12.43 25.78 -13.59
C GLU A 538 -13.19 26.03 -12.28
N LYS A 539 -14.50 26.20 -12.34
CA LYS A 539 -15.27 26.40 -11.13
C LYS A 539 -15.20 25.11 -10.30
N GLN A 540 -15.38 23.97 -10.97
CA GLN A 540 -15.33 22.66 -10.33
C GLN A 540 -14.04 22.49 -9.53
N ARG A 541 -12.96 23.08 -10.03
CA ARG A 541 -11.65 22.97 -9.37
C ARG A 541 -11.59 23.68 -8.03
N ASP A 542 -11.98 24.95 -8.01
CA ASP A 542 -11.96 25.75 -6.79
C ASP A 542 -12.88 25.10 -5.76
N SER A 543 -13.87 24.38 -6.24
CA SER A 543 -14.79 23.70 -5.34
C SER A 543 -14.02 22.62 -4.59
N LEU A 544 -13.22 21.84 -5.31
CA LEU A 544 -12.42 20.73 -4.75
C LEU A 544 -11.27 21.05 -3.77
N GLN A 545 -10.55 22.16 -3.96
CA GLN A 545 -9.47 22.45 -3.02
C GLN A 545 -10.00 22.73 -1.62
N LYS A 546 -11.31 22.56 -1.47
CA LYS A 546 -11.98 22.79 -0.19
C LYS A 546 -12.20 21.48 0.56
N VAL A 547 -11.54 20.40 0.13
CA VAL A 547 -11.72 19.12 0.82
C VAL A 547 -10.69 18.79 1.88
N SER A 548 -11.15 18.03 2.87
CA SER A 548 -10.31 17.60 3.98
C SER A 548 -10.73 16.17 4.27
N PHE A 549 -9.86 15.42 4.93
CA PHE A 549 -10.22 14.05 5.25
C PHE A 549 -11.18 14.22 6.41
N SER A 550 -11.10 15.38 7.06
CA SER A 550 -11.96 15.70 8.19
C SER A 550 -13.40 15.73 7.70
N ARG A 551 -13.62 16.29 6.51
CA ARG A 551 -14.96 16.35 5.94
C ARG A 551 -15.43 14.94 5.58
N LEU A 552 -14.56 14.16 4.93
CA LEU A 552 -14.91 12.81 4.53
C LEU A 552 -15.56 12.04 5.66
N ILE A 553 -14.96 12.11 6.84
CA ILE A 553 -15.49 11.40 8.00
C ILE A 553 -16.89 11.86 8.36
N CYS A 554 -17.06 13.16 8.54
CA CYS A 554 -18.35 13.75 8.90
C CYS A 554 -19.52 13.28 8.03
N ASP A 555 -19.33 13.33 6.71
CA ASP A 555 -20.37 12.91 5.77
C ASP A 555 -20.67 11.41 5.84
N ASN A 556 -19.71 10.60 6.26
CA ASN A 556 -19.91 9.16 6.28
C ASN A 556 -19.89 8.40 7.59
N THR A 557 -19.98 9.10 8.72
CA THR A 557 -20.00 8.43 10.01
C THR A 557 -20.75 9.29 11.02
N HIS A 558 -20.90 8.79 12.24
CA HIS A 558 -21.60 9.54 13.25
C HIS A 558 -20.70 10.19 14.29
N ILE A 559 -19.49 10.53 13.87
CA ILE A 559 -18.52 11.22 14.70
C ILE A 559 -18.85 12.69 14.50
N THR A 560 -19.01 13.43 15.60
CA THR A 560 -19.37 14.85 15.50
C THR A 560 -18.28 15.86 15.82
N LYS A 561 -17.17 15.38 16.37
CA LYS A 561 -16.04 16.23 16.69
C LYS A 561 -14.85 15.60 16.00
N VAL A 562 -14.20 16.36 15.13
CA VAL A 562 -13.04 15.89 14.39
C VAL A 562 -12.04 17.04 14.37
N PRO A 563 -10.78 16.78 13.98
CA PRO A 563 -9.85 17.91 13.97
C PRO A 563 -9.79 18.49 12.58
N LEU A 564 -9.23 19.69 12.47
CA LEU A 564 -9.11 20.36 11.18
C LEU A 564 -7.94 19.78 10.37
N HIS A 565 -6.92 19.27 11.05
CA HIS A 565 -5.74 18.74 10.37
C HIS A 565 -5.47 17.28 10.74
N ALA A 566 -6.32 16.39 10.26
CA ALA A 566 -6.26 14.96 10.52
C ALA A 566 -4.92 14.23 10.54
N PHE A 567 -3.94 14.69 9.76
CA PHE A 567 -2.66 13.96 9.75
C PHE A 567 -1.73 14.19 10.94
N GLN A 568 -1.59 15.44 11.38
CA GLN A 568 -0.72 15.75 12.51
C GLN A 568 -1.39 15.37 13.83
N ALA A 569 -0.58 15.10 14.86
CA ALA A 569 -1.11 14.74 16.19
C ALA A 569 -2.13 15.77 16.68
N ASN A 570 -3.24 15.30 17.24
CA ASN A 570 -4.30 16.19 17.73
C ASN A 570 -5.02 15.64 18.96
N ASN A 571 -5.04 16.39 20.07
CA ASN A 571 -5.72 15.92 21.28
C ASN A 571 -7.16 16.38 21.34
N TYR A 572 -7.97 15.60 22.07
CA TYR A 572 -9.38 15.89 22.27
C TYR A 572 -9.55 16.30 23.73
N PRO A 573 -10.37 17.33 23.99
CA PRO A 573 -11.10 18.09 22.98
C PRO A 573 -10.53 19.38 22.43
N HIS A 574 -9.40 19.86 22.93
CA HIS A 574 -8.88 21.13 22.40
C HIS A 574 -8.82 21.21 20.88
N ASP A 575 -8.12 20.27 20.25
CA ASP A 575 -7.97 20.31 18.82
C ASP A 575 -9.13 19.71 18.05
N PHE A 576 -10.25 19.51 18.72
CA PHE A 576 -11.44 18.93 18.09
C PHE A 576 -12.63 19.88 17.97
N VAL A 577 -13.05 20.13 16.73
CA VAL A 577 -14.19 21.00 16.47
C VAL A 577 -15.37 20.14 15.98
N ASP A 578 -16.59 20.67 16.02
CA ASP A 578 -17.75 19.92 15.56
C ASP A 578 -17.90 20.01 14.05
N CYS A 579 -18.36 18.92 13.44
CA CYS A 579 -18.54 18.81 11.99
C CYS A 579 -19.13 20.04 11.29
N SER A 580 -20.22 20.57 11.83
CA SER A 580 -20.88 21.73 11.24
C SER A 580 -19.94 22.88 10.86
N THR A 581 -18.74 22.90 11.44
CA THR A 581 -17.79 23.95 11.15
C THR A 581 -16.75 23.60 10.08
N VAL A 582 -16.91 22.43 9.45
CA VAL A 582 -15.96 21.99 8.42
C VAL A 582 -16.40 22.22 6.97
N ASP A 583 -15.53 22.85 6.19
CA ASP A 583 -15.81 23.14 4.78
C ASP A 583 -16.28 21.87 4.07
N LYS A 584 -17.16 22.03 3.09
CA LYS A 584 -17.72 20.89 2.39
C LYS A 584 -17.60 20.92 0.88
N LEU A 585 -17.92 19.79 0.26
CA LEU A 585 -17.86 19.68 -1.17
C LEU A 585 -19.09 20.33 -1.81
N ASP A 586 -18.89 21.46 -2.49
CA ASP A 586 -20.01 22.13 -3.15
C ASP A 586 -20.12 21.46 -4.53
N LEU A 587 -21.00 20.47 -4.61
CA LEU A 587 -21.22 19.69 -5.83
C LEU A 587 -21.91 20.39 -6.99
N SER A 588 -22.14 21.69 -6.88
CA SER A 588 -22.83 22.42 -7.94
C SER A 588 -22.08 22.72 -9.24
N PRO A 589 -20.80 23.10 -9.20
CA PRO A 589 -20.17 23.36 -10.51
C PRO A 589 -20.26 22.11 -11.38
N TRP A 590 -20.88 21.07 -10.82
CA TRP A 590 -21.10 19.79 -11.47
C TRP A 590 -22.51 19.79 -12.00
N ALA A 591 -23.41 20.34 -11.20
CA ALA A 591 -24.80 20.44 -11.55
C ALA A 591 -24.97 20.77 -13.03
N SER A 592 -25.51 19.81 -13.77
CA SER A 592 -25.76 20.02 -15.19
C SER A 592 -27.23 20.39 -15.36
N ARG A 593 -27.49 21.04 -16.48
CA ARG A 593 -28.81 21.46 -16.93
C ARG A 593 -28.45 21.47 -18.41
N GLU A 594 -29.28 20.88 -19.28
CA GLU A 594 -28.98 20.84 -20.74
C GLU A 594 -28.19 19.61 -21.24
N ASN A 595 -28.03 18.58 -20.41
CA ASN A 595 -27.30 17.36 -20.78
C ASN A 595 -28.25 16.23 -21.22
C1 NAG B . 3.18 18.95 13.33
C2 NAG B . 3.85 20.25 13.80
C3 NAG B . 3.34 21.46 13.03
C4 NAG B . 3.37 21.27 11.52
C5 NAG B . 2.83 19.87 11.10
C6 NAG B . 3.26 19.53 9.69
C7 NAG B . 4.59 20.73 16.03
C8 NAG B . 4.25 20.98 17.48
N2 NAG B . 3.59 20.46 15.20
O3 NAG B . 4.12 22.59 13.36
O4 NAG B . 2.55 22.32 10.92
O5 NAG B . 3.38 18.80 11.92
O6 NAG B . 4.54 18.93 9.68
O7 NAG B . 5.77 20.74 15.66
C1 NAG B . 2.94 22.85 9.70
C2 NAG B . 1.73 23.43 8.92
C3 NAG B . 1.84 24.95 8.50
C4 NAG B . 3.27 25.52 8.34
C5 NAG B . 4.28 24.42 8.64
C6 NAG B . 5.75 24.80 8.63
C7 NAG B . 0.61 22.79 6.85
C8 NAG B . 0.57 21.81 5.69
N2 NAG B . 1.57 22.59 7.75
O3 NAG B . 1.14 25.75 9.45
O4 NAG B . 3.51 26.07 7.01
O5 NAG B . 3.98 23.81 9.89
O6 NAG B . 6.50 23.88 7.84
O7 NAG B . -0.20 23.71 6.91
C1 MAN B . 2.48 26.51 6.16
C2 MAN B . 2.95 26.26 4.72
C3 MAN B . 2.33 27.19 3.67
C4 MAN B . 1.10 27.98 4.17
C5 MAN B . 1.21 28.53 5.61
C6 MAN B . -0.05 28.31 6.41
O2 MAN B . 2.70 24.91 4.35
O3 MAN B . 1.93 26.43 2.54
O4 MAN B . 0.86 29.07 3.30
O5 MAN B . 2.33 27.93 6.36
O6 MAN B . -0.22 29.31 7.40
C1 NAG C . -28.50 -1.65 -4.46
C2 NAG C . -28.57 -2.97 -3.69
C3 NAG C . -30.03 -3.38 -3.42
C4 NAG C . -30.94 -2.15 -3.38
C5 NAG C . -30.89 -1.37 -4.71
C6 NAG C . -31.08 0.12 -4.49
C7 NAG C . -27.08 -4.86 -3.80
C8 NAG C . -26.38 -5.92 -4.63
N2 NAG C . -27.89 -4.01 -4.43
O3 NAG C . -30.10 -4.07 -2.18
O4 NAG C . -32.31 -2.53 -3.08
O5 NAG C . -29.60 -1.53 -5.38
O6 NAG C . -31.00 0.44 -3.10
O7 NAG C . -26.91 -4.81 -2.59
C1 NAG C . -32.80 -2.10 -1.85
C2 NAG C . -34.31 -1.83 -1.96
C3 NAG C . -35.04 -2.26 -0.67
C4 NAG C . -34.18 -1.98 0.57
C5 NAG C . -32.82 -2.68 0.47
C6 NAG C . -32.76 -3.91 1.37
C7 NAG C . -34.56 0.03 -3.47
C8 NAG C . -34.83 1.52 -3.67
N2 NAG C . -34.56 -0.42 -2.22
O3 NAG C . -35.33 -3.65 -0.71
O4 NAG C . -33.99 -0.57 0.71
O5 NAG C . -32.55 -3.12 -0.88
O6 NAG C . -31.87 -4.89 0.86
O7 NAG C . -34.37 -0.69 -4.44
C1 NAG D . -14.90 -15.19 18.17
C2 NAG D . -14.18 -14.95 19.51
C3 NAG D . -15.17 -14.97 20.69
C4 NAG D . -16.52 -14.29 20.40
C5 NAG D . -17.03 -14.69 19.01
C6 NAG D . -18.33 -14.02 18.61
C7 NAG D . -11.95 -15.91 19.33
C8 NAG D . -11.05 -17.10 19.59
N2 NAG D . -13.23 -16.03 19.70
O3 NAG D . -14.56 -14.32 21.80
O4 NAG D . -17.47 -14.69 21.40
O5 NAG D . -16.05 -14.35 18.05
O6 NAG D . -18.29 -13.61 17.25
O7 NAG D . -11.50 -14.89 18.81
C1 NAG D . -18.35 -13.71 21.83
C2 NAG D . -19.56 -14.34 22.53
C3 NAG D . -20.31 -13.28 23.32
C4 NAG D . -19.41 -12.59 24.35
C5 NAG D . -17.92 -12.80 24.08
C6 NAG D . -17.30 -14.05 24.68
C7 NAG D . -20.67 -16.21 21.45
C8 NAG D . -21.63 -16.68 20.37
N2 NAG D . -20.45 -14.90 21.53
O3 NAG D . -21.42 -13.86 23.99
O4 NAG D . -19.69 -11.18 24.34
O5 NAG D . -17.63 -12.76 22.66
O6 NAG D . -16.38 -13.71 25.70
O7 NAG D . -20.15 -17.03 22.22
C1 MAN D . -20.15 -10.53 25.47
C2 MAN D . -19.03 -9.66 26.12
C3 MAN D . -18.62 -9.97 27.58
C4 MAN D . -19.71 -10.72 28.34
C5 MAN D . -20.08 -11.92 27.48
C6 MAN D . -20.91 -12.93 28.24
O2 MAN D . -19.39 -8.29 26.02
O3 MAN D . -18.32 -8.77 28.26
O4 MAN D . -19.23 -11.13 29.60
O5 MAN D . -20.85 -11.47 26.36
O6 MAN D . -21.19 -14.07 27.44
C1 NAG E . 8.31 16.87 -20.33
C2 NAG E . 9.33 18.03 -20.31
C3 NAG E . 10.64 17.38 -20.66
C4 NAG E . 11.00 16.27 -19.66
C5 NAG E . 9.87 15.25 -19.50
C6 NAG E . 10.11 14.39 -18.28
C7 NAG E . 8.05 19.88 -21.27
C8 NAG E . 8.00 20.93 -22.37
N2 NAG E . 9.09 19.07 -21.30
O3 NAG E . 11.66 18.37 -20.70
O4 NAG E . 12.19 15.63 -20.11
O5 NAG E . 8.62 15.92 -19.30
O6 NAG E . 10.56 13.09 -18.62
O7 NAG E . 7.14 19.81 -20.45
C1 NAG E . 13.27 16.46 -19.97
C2 NAG E . 14.38 15.79 -19.17
C3 NAG E . 15.37 14.98 -20.06
C4 NAG E . 15.70 15.69 -21.39
C5 NAG E . 15.10 17.07 -21.36
C6 NAG E . 15.38 17.95 -22.56
C7 NAG E . 15.79 16.51 -17.36
C8 NAG E . 16.41 17.67 -16.60
N2 NAG E . 15.05 16.81 -18.42
O3 NAG E . 14.85 13.69 -20.32
O4 NAG E . 17.10 15.75 -21.58
O5 NAG E . 13.68 16.94 -21.26
O6 NAG E . 15.53 19.30 -22.16
O7 NAG E . 15.98 15.36 -16.99
CHA HEM F . 3.20 -5.47 1.53
CHB HEM F . 1.13 -5.97 5.78
CHC HEM F . 1.13 -1.18 6.30
CHD HEM F . 3.40 -0.56 1.98
C1A HEM F . 2.66 -6.08 2.63
C2A HEM F . 2.57 -7.55 2.72
C3A HEM F . 1.97 -7.71 3.93
C4A HEM F . 1.73 -6.35 4.53
CMA HEM F . 1.68 -9.03 4.50
CAA HEM F . 3.04 -8.61 1.63
CBA HEM F . 4.67 -8.54 1.44
CGA HEM F . 5.41 -9.38 0.56
O1A HEM F . 6.42 -9.03 -0.03
O2A HEM F . 4.99 -10.57 0.41
C1B HEM F . 0.90 -4.67 6.35
C2B HEM F . 0.26 -4.30 7.67
C3B HEM F . 0.29 -2.91 7.78
C4B HEM F . 0.90 -2.47 6.55
CMB HEM F . -0.32 -5.26 8.78
CAB HEM F . -0.24 -1.92 8.96
CBB HEM F . -0.83 -2.28 10.17
C1C HEM F . 1.73 -0.58 5.18
C2C HEM F . 1.91 0.79 5.07
C3C HEM F . 2.59 1.01 3.82
C4C HEM F . 2.81 -0.27 3.20
CMC HEM F . 1.36 1.78 6.23
CAC HEM F . 3.05 2.36 3.21
CBC HEM F . 2.90 3.63 3.78
C1D HEM F . 3.53 -1.86 1.47
C2D HEM F . 4.14 -2.16 0.15
C3D HEM F . 4.03 -3.70 0.00
C4D HEM F . 3.42 -4.14 1.30
CMD HEM F . 4.72 -1.21 -0.87
CAD HEM F . 4.51 -4.60 -1.22
CBD HEM F . 3.31 -4.27 -2.16
CGD HEM F . 3.11 -4.81 -3.56
O1D HEM F . 2.37 -5.78 -3.86
O2D HEM F . 3.70 -4.17 -4.45
NA HEM F . 2.17 -5.44 3.70
NB HEM F . 1.25 -3.52 5.74
NC HEM F . 2.27 -1.23 4.05
ND HEM F . 3.14 -3.08 2.07
FE HEM F . 2.27 -3.42 3.81
CA CA G . -4.42 2.89 -9.44
I IOD H . 13.96 -0.94 -10.41
I IOD I . 19.71 -15.20 15.35
I IOD J . 7.47 17.70 12.29
I IOD K . -23.24 -9.55 1.02
I IOD L . -2.56 18.98 -5.37
I IOD M . -18.08 11.92 18.22
I IOD N . 34.18 5.25 2.53
I IOD O . -3.04 17.70 8.14
S SCN P . -13.81 -11.07 -9.58
C SCN P . -15.09 -11.40 -10.88
N SCN P . -15.97 -11.61 -11.84
C1 BHO Q . -1.16 -8.27 2.13
C2 BHO Q . -1.87 -8.61 3.32
C3 BHO Q . -2.22 -10.04 3.45
C4 BHO Q . -1.87 -11.08 2.48
C5 BHO Q . -1.19 -10.75 1.33
C6 BHO Q . -0.85 -9.35 1.20
C BHO Q . -0.68 -6.88 1.77
O1 BHO Q . -0.09 -7.01 0.63
N BHO Q . -0.79 -5.68 2.38
O2 BHO Q . -0.25 -4.35 1.93
#